data_4HJV
#
_entry.id   4HJV
#
_cell.length_a   78.778
_cell.length_b   94.853
_cell.length_c   162.016
_cell.angle_alpha   90.00
_cell.angle_beta   90.00
_cell.angle_gamma   90.00
#
_symmetry.space_group_name_H-M   'P 21 21 21'
#
loop_
_entity.id
_entity.type
_entity.pdbx_description
1 polymer 'Endo-type membrane-bound lytic murein transglycosylase A'
2 branched '2-acetamido-2-deoxy-beta-D-glucopyranose-(1-4)-N-acetyl-beta-muramic acid'
3 non-polymer 4-O-(4-O-SULFONYL-N-ACETYLGLUCOSAMININYL)-5-METHYLHYDROXY-L-PROLINE-TAURINE
4 non-polymer 'SULFATE ION'
5 water water
#
_entity_poly.entity_id   1
_entity_poly.type   'polypeptide(L)'
_entity_poly.pdbx_seq_one_letter_code
;MRGSHHHHHHGSACELSSKHDYTNPPWNAKVPVQRAMQWMPISQKAGAAWGVDPQLITAIIAIESGGNPNAVSKSNAIGL
MQLKASTSGRDVYRRMGWSGEPTTSELKNPERNISMGAAYLNILETGPLAGIEDPKVLQYALVVSYANGAGALLRTFSSD
RKKAISKINDLDADEFLEHVARNHPAPQAPRYIYKLEQALDAM
;
_entity_poly.pdbx_strand_id   A,B,C,D,E
#
# COMPACT_ATOMS: atom_id res chain seq x y z
N HIS A 20 -2.73 -38.90 34.94
CA HIS A 20 -1.75 -37.83 35.05
C HIS A 20 -2.41 -36.49 35.38
N ASP A 21 -1.76 -35.76 36.28
CA ASP A 21 -2.30 -34.47 36.71
C ASP A 21 -1.90 -33.31 35.80
N TYR A 22 -2.82 -32.96 34.93
CA TYR A 22 -2.57 -31.98 33.91
C TYR A 22 -2.51 -30.58 34.53
N THR A 23 -2.89 -30.47 35.81
CA THR A 23 -2.83 -29.17 36.49
C THR A 23 -1.47 -28.93 37.16
N ASN A 24 -0.61 -29.95 37.26
CA ASN A 24 0.72 -29.77 37.82
C ASN A 24 1.79 -29.79 36.76
N PRO A 25 2.76 -28.86 36.83
CA PRO A 25 2.79 -27.85 37.90
C PRO A 25 1.78 -26.74 37.67
N PRO A 26 1.38 -26.04 38.73
CA PRO A 26 0.45 -24.93 38.55
C PRO A 26 1.02 -23.89 37.60
N TRP A 27 0.16 -23.27 36.80
CA TRP A 27 0.58 -22.19 35.91
C TRP A 27 0.08 -20.86 36.47
N ASN A 28 1.02 -19.96 36.71
CA ASN A 28 0.72 -18.66 37.29
C ASN A 28 0.48 -17.66 36.15
N ALA A 29 -0.73 -17.14 36.04
CA ALA A 29 -1.12 -16.38 34.85
C ALA A 29 -0.79 -14.90 34.89
N LYS A 30 -0.50 -14.37 36.08
CA LYS A 30 -0.34 -12.93 36.28
C LYS A 30 0.59 -12.30 35.23
N VAL A 31 1.83 -12.75 35.17
CA VAL A 31 2.80 -12.13 34.27
C VAL A 31 2.47 -12.38 32.79
N PRO A 32 2.22 -13.64 32.39
CA PRO A 32 1.85 -13.91 30.99
C PRO A 32 0.63 -13.11 30.51
N VAL A 33 -0.41 -13.03 31.33
CA VAL A 33 -1.63 -12.34 30.92
C VAL A 33 -1.40 -10.82 30.85
N GLN A 34 -0.75 -10.29 31.86
CA GLN A 34 -0.48 -8.87 31.90
C GLN A 34 0.33 -8.49 30.65
N ARG A 35 1.27 -9.35 30.24
CA ARG A 35 2.03 -9.05 29.03
C ARG A 35 1.16 -9.20 27.78
N ALA A 36 0.34 -10.23 27.75
CA ALA A 36 -0.60 -10.41 26.64
C ALA A 36 -1.52 -9.20 26.51
N MET A 37 -1.89 -8.60 27.64
CA MET A 37 -2.80 -7.46 27.60
C MET A 37 -2.22 -6.26 26.86
N GLN A 38 -0.90 -6.19 26.76
CA GLN A 38 -0.27 -5.06 26.09
C GLN A 38 -0.59 -5.11 24.58
N TRP A 39 -1.04 -6.27 24.09
CA TRP A 39 -1.39 -6.46 22.67
C TRP A 39 -2.88 -6.28 22.41
N MET A 40 -3.62 -5.91 23.46
CA MET A 40 -5.09 -5.88 23.41
C MET A 40 -5.68 -5.00 22.29
N PRO A 41 -5.06 -3.84 21.99
CA PRO A 41 -5.55 -3.08 20.83
C PRO A 41 -5.57 -3.91 19.54
N ILE A 42 -4.56 -4.75 19.33
CA ILE A 42 -4.54 -5.59 18.14
C ILE A 42 -5.57 -6.72 18.26
N SER A 43 -5.67 -7.32 19.44
CA SER A 43 -6.57 -8.45 19.62
C SER A 43 -8.05 -8.05 19.51
N GLN A 44 -8.38 -6.86 19.98
CA GLN A 44 -9.75 -6.37 19.88
C GLN A 44 -10.13 -6.19 18.42
N LYS A 45 -9.26 -5.56 17.66
CA LYS A 45 -9.53 -5.31 16.26
C LYS A 45 -9.62 -6.66 15.49
N ALA A 46 -8.67 -7.55 15.76
CA ALA A 46 -8.67 -8.86 15.14
C ALA A 46 -9.92 -9.63 15.50
N GLY A 47 -10.28 -9.55 16.78
CA GLY A 47 -11.43 -10.28 17.30
C GLY A 47 -12.73 -9.81 16.71
N ALA A 48 -12.93 -8.50 16.65
CA ALA A 48 -14.14 -7.93 16.06
C ALA A 48 -14.24 -8.26 14.56
N ALA A 49 -13.10 -8.28 13.88
CA ALA A 49 -13.08 -8.61 12.44
C ALA A 49 -13.48 -10.06 12.17
N TRP A 50 -13.09 -10.98 13.03
CA TRP A 50 -13.33 -12.41 12.80
C TRP A 50 -14.41 -12.98 13.70
N GLY A 51 -15.05 -12.11 14.50
CA GLY A 51 -16.09 -12.57 15.41
C GLY A 51 -15.52 -13.51 16.45
N VAL A 52 -14.35 -13.17 16.97
CA VAL A 52 -13.69 -13.97 17.99
C VAL A 52 -13.53 -13.10 19.23
N ASP A 53 -13.75 -13.69 20.39
CA ASP A 53 -13.68 -12.97 21.68
C ASP A 53 -12.25 -12.50 21.97
N PRO A 54 -12.06 -11.19 22.13
CA PRO A 54 -10.74 -10.62 22.39
C PRO A 54 -10.08 -11.20 23.65
N GLN A 55 -10.90 -11.61 24.63
CA GLN A 55 -10.36 -12.19 25.85
C GLN A 55 -9.82 -13.59 25.61
N LEU A 56 -10.46 -14.33 24.72
CA LEU A 56 -9.96 -15.64 24.36
C LEU A 56 -8.63 -15.46 23.64
N ILE A 57 -8.59 -14.47 22.74
CA ILE A 57 -7.35 -14.20 22.00
C ILE A 57 -6.22 -13.84 22.99
N THR A 58 -6.55 -12.99 23.96
CA THR A 58 -5.54 -12.56 24.95
C THR A 58 -5.04 -13.75 25.76
N ALA A 59 -5.97 -14.61 26.18
CA ALA A 59 -5.59 -15.78 26.96
C ALA A 59 -4.67 -16.68 26.15
N ILE A 60 -4.99 -16.84 24.88
CA ILE A 60 -4.19 -17.70 24.04
C ILE A 60 -2.78 -17.13 23.91
N ILE A 61 -2.69 -15.81 23.72
CA ILE A 61 -1.39 -15.17 23.65
C ILE A 61 -0.59 -15.46 24.91
N ALA A 62 -1.25 -15.24 26.06
CA ALA A 62 -0.58 -15.43 27.33
C ALA A 62 -0.06 -16.86 27.42
N ILE A 63 -0.92 -17.81 27.07
CA ILE A 63 -0.61 -19.21 27.20
C ILE A 63 0.45 -19.66 26.19
N GLU A 64 0.39 -19.13 24.97
CA GLU A 64 1.25 -19.61 23.91
C GLU A 64 2.66 -19.02 23.98
N SER A 65 2.77 -17.72 24.22
CA SER A 65 4.05 -17.02 24.14
C SER A 65 4.36 -16.15 25.36
N GLY A 66 3.41 -16.02 26.29
CA GLY A 66 3.56 -15.07 27.38
C GLY A 66 3.71 -13.65 26.88
N GLY A 67 3.22 -13.37 25.67
CA GLY A 67 3.30 -12.04 25.08
C GLY A 67 4.56 -11.74 24.29
N ASN A 68 5.44 -12.73 24.12
CA ASN A 68 6.67 -12.55 23.34
C ASN A 68 6.43 -12.80 21.85
N PRO A 69 6.50 -11.74 21.03
CA PRO A 69 6.14 -11.88 19.61
C PRO A 69 7.16 -12.66 18.79
N ASN A 70 8.34 -12.90 19.35
CA ASN A 70 9.38 -13.68 18.65
C ASN A 70 9.46 -15.13 19.11
N ALA A 71 8.55 -15.58 19.96
CA ALA A 71 8.61 -16.95 20.46
C ALA A 71 8.59 -17.98 19.32
N VAL A 72 9.39 -19.03 19.49
CA VAL A 72 9.46 -20.13 18.55
C VAL A 72 9.48 -21.41 19.38
N SER A 73 8.54 -22.32 19.16
CA SER A 73 8.50 -23.56 19.93
C SER A 73 9.41 -24.58 19.28
N LYS A 74 9.58 -25.73 19.93
CA LYS A 74 10.40 -26.81 19.40
C LYS A 74 9.83 -27.45 18.14
N SER A 75 8.53 -27.30 17.91
CA SER A 75 7.91 -27.83 16.71
C SER A 75 7.68 -26.72 15.69
N ASN A 76 8.37 -25.60 15.88
CA ASN A 76 8.34 -24.45 14.96
C ASN A 76 7.01 -23.68 14.90
N ALA A 77 6.26 -23.66 15.99
CA ALA A 77 5.11 -22.76 16.09
C ALA A 77 5.68 -21.37 16.37
N ILE A 78 5.11 -20.34 15.77
CA ILE A 78 5.76 -19.03 15.78
C ILE A 78 4.86 -17.90 16.28
N GLY A 79 5.46 -17.01 17.06
CA GLY A 79 4.88 -15.74 17.43
C GLY A 79 3.87 -15.79 18.56
N LEU A 80 3.17 -14.66 18.71
CA LEU A 80 2.35 -14.39 19.88
C LEU A 80 1.34 -15.49 20.15
N MET A 81 0.72 -16.00 19.08
CA MET A 81 -0.28 -17.04 19.20
C MET A 81 0.24 -18.40 18.71
N GLN A 82 1.55 -18.48 18.46
CA GLN A 82 2.21 -19.77 18.15
C GLN A 82 1.56 -20.55 16.99
N LEU A 83 1.56 -19.94 15.81
CA LEU A 83 1.04 -20.62 14.64
C LEU A 83 2.14 -21.41 13.96
N LYS A 84 1.81 -22.64 13.55
CA LYS A 84 2.66 -23.37 12.63
C LYS A 84 2.25 -22.95 11.23
N ALA A 85 3.20 -22.44 10.47
CA ALA A 85 2.95 -22.04 9.09
C ALA A 85 2.31 -23.16 8.28
N SER A 86 2.76 -24.39 8.53
CA SER A 86 2.38 -25.55 7.72
C SER A 86 0.96 -26.02 7.99
N THR A 87 0.38 -25.59 9.10
CA THR A 87 -0.98 -26.01 9.43
C THR A 87 -1.94 -24.80 9.42
N SER A 88 -1.95 -24.00 10.48
CA SER A 88 -2.88 -22.88 10.57
C SER A 88 -2.49 -21.82 9.55
N GLY A 89 -1.19 -21.62 9.33
CA GLY A 89 -0.73 -20.64 8.37
C GLY A 89 -1.30 -20.96 7.00
N ARG A 90 -1.19 -22.22 6.62
CA ARG A 90 -1.69 -22.71 5.35
C ARG A 90 -3.21 -22.58 5.25
N ASP A 91 -3.90 -22.96 6.33
CA ASP A 91 -5.34 -22.91 6.38
C ASP A 91 -5.87 -21.48 6.34
N VAL A 92 -5.21 -20.58 7.06
CA VAL A 92 -5.64 -19.19 7.04
C VAL A 92 -5.42 -18.61 5.64
N TYR A 93 -4.26 -18.88 5.04
CA TYR A 93 -4.02 -18.40 3.67
C TYR A 93 -5.13 -18.89 2.72
N ARG A 94 -5.45 -20.17 2.80
CA ARG A 94 -6.53 -20.75 2.02
C ARG A 94 -7.85 -20.00 2.21
N ARG A 95 -8.15 -19.65 3.47
CA ARG A 95 -9.38 -18.94 3.81
C ARG A 95 -9.39 -17.55 3.20
N MET A 96 -8.22 -16.99 2.97
CA MET A 96 -8.06 -15.69 2.32
C MET A 96 -8.15 -15.81 0.81
N GLY A 97 -8.02 -17.03 0.31
CA GLY A 97 -7.95 -17.27 -1.12
C GLY A 97 -6.52 -17.23 -1.64
N TRP A 98 -5.54 -17.41 -0.76
CA TRP A 98 -4.12 -17.41 -1.18
C TRP A 98 -3.51 -18.81 -1.22
N SER A 99 -2.52 -18.99 -2.08
CA SER A 99 -1.72 -20.21 -2.09
C SER A 99 -0.52 -20.05 -1.12
N GLY A 100 0.20 -21.14 -0.90
CA GLY A 100 1.40 -21.11 -0.06
C GLY A 100 1.06 -20.95 1.42
N GLU A 101 2.00 -20.39 2.17
CA GLU A 101 1.90 -20.22 3.63
C GLU A 101 2.81 -19.07 4.04
N PRO A 102 2.56 -18.46 5.20
CA PRO A 102 3.42 -17.36 5.67
C PRO A 102 4.82 -17.83 6.07
N THR A 103 5.81 -16.94 6.07
CA THR A 103 7.15 -17.29 6.55
C THR A 103 7.23 -17.12 8.06
N THR A 104 8.29 -17.68 8.62
CA THR A 104 8.59 -17.52 10.02
C THR A 104 8.66 -16.06 10.36
N SER A 105 9.39 -15.31 9.54
CA SER A 105 9.57 -13.89 9.75
C SER A 105 8.22 -13.18 9.80
N GLU A 106 7.33 -13.52 8.87
CA GLU A 106 6.01 -12.90 8.78
C GLU A 106 5.16 -13.22 10.02
N LEU A 107 5.29 -14.43 10.54
CA LEU A 107 4.53 -14.82 11.72
C LEU A 107 5.03 -14.12 12.99
N LYS A 108 6.22 -13.51 12.93
CA LYS A 108 6.76 -12.78 14.07
C LYS A 108 6.23 -11.34 14.15
N ASN A 109 5.60 -10.88 13.07
CA ASN A 109 4.91 -9.61 13.10
C ASN A 109 3.63 -9.70 13.94
N PRO A 110 3.53 -8.89 15.00
CA PRO A 110 2.39 -9.02 15.92
C PRO A 110 1.02 -8.92 15.27
N GLU A 111 0.82 -7.93 14.41
CA GLU A 111 -0.50 -7.75 13.82
C GLU A 111 -0.88 -8.92 12.95
N ARG A 112 0.05 -9.35 12.11
CA ARG A 112 -0.24 -10.48 11.25
C ARG A 112 -0.50 -11.75 12.06
N ASN A 113 0.31 -11.97 13.08
CA ASN A 113 0.18 -13.19 13.89
C ASN A 113 -1.19 -13.27 14.58
N ILE A 114 -1.56 -12.19 15.25
CA ILE A 114 -2.82 -12.15 15.96
C ILE A 114 -4.02 -12.20 15.00
N SER A 115 -3.96 -11.47 13.90
CA SER A 115 -5.06 -11.54 12.91
C SER A 115 -5.23 -12.94 12.34
N MET A 116 -4.11 -13.62 12.10
CA MET A 116 -4.13 -15.00 11.60
C MET A 116 -4.64 -15.97 12.67
N GLY A 117 -4.21 -15.80 13.91
CA GLY A 117 -4.71 -16.61 15.00
C GLY A 117 -6.23 -16.46 15.15
N ALA A 118 -6.69 -15.23 15.08
CA ALA A 118 -8.11 -14.95 15.18
C ALA A 118 -8.83 -15.60 14.00
N ALA A 119 -8.29 -15.46 12.78
CA ALA A 119 -8.90 -16.11 11.63
C ALA A 119 -8.97 -17.63 11.82
N TYR A 120 -7.91 -18.21 12.36
CA TYR A 120 -7.88 -19.66 12.54
C TYR A 120 -8.94 -20.08 13.55
N LEU A 121 -9.13 -19.28 14.59
CA LEU A 121 -10.17 -19.60 15.56
C LEU A 121 -11.53 -19.57 14.86
N ASN A 122 -11.73 -18.58 14.01
CA ASN A 122 -12.97 -18.51 13.24
C ASN A 122 -13.11 -19.74 12.35
N ILE A 123 -12.03 -20.15 11.70
CA ILE A 123 -12.09 -21.31 10.82
C ILE A 123 -12.44 -22.57 11.62
N LEU A 124 -11.85 -22.74 12.80
CA LEU A 124 -12.18 -23.87 13.66
C LEU A 124 -13.66 -23.87 14.07
N GLU A 125 -14.18 -22.71 14.48
CA GLU A 125 -15.56 -22.63 14.96
C GLU A 125 -16.59 -22.87 13.85
N THR A 126 -16.34 -22.34 12.67
CA THR A 126 -17.34 -22.38 11.59
C THR A 126 -17.23 -23.64 10.74
N GLY A 127 -16.10 -24.33 10.81
CA GLY A 127 -15.91 -25.56 10.06
C GLY A 127 -16.05 -26.79 10.94
N PRO A 128 -14.93 -27.39 11.32
CA PRO A 128 -14.95 -28.67 12.03
C PRO A 128 -15.71 -28.64 13.34
N LEU A 129 -15.74 -27.52 14.05
CA LEU A 129 -16.45 -27.47 15.31
C LEU A 129 -17.90 -26.94 15.20
N ALA A 130 -18.37 -26.72 13.98
CA ALA A 130 -19.73 -26.20 13.80
C ALA A 130 -20.76 -27.14 14.40
N GLY A 131 -21.74 -26.55 15.08
CA GLY A 131 -22.81 -27.32 15.68
C GLY A 131 -22.72 -27.46 17.19
N ILE A 132 -21.60 -27.06 17.79
CA ILE A 132 -21.50 -27.14 19.24
C ILE A 132 -22.38 -26.06 19.85
N GLU A 133 -23.28 -26.47 20.73
CA GLU A 133 -24.37 -25.60 21.19
C GLU A 133 -23.98 -24.74 22.38
N ASP A 134 -23.37 -25.35 23.39
CA ASP A 134 -22.99 -24.64 24.59
C ASP A 134 -21.71 -23.83 24.34
N PRO A 135 -21.79 -22.50 24.50
CA PRO A 135 -20.67 -21.60 24.20
C PRO A 135 -19.44 -21.92 25.05
N LYS A 136 -19.67 -22.44 26.24
CA LYS A 136 -18.54 -22.77 27.10
C LYS A 136 -17.84 -24.03 26.60
N VAL A 137 -18.64 -25.03 26.23
CA VAL A 137 -18.07 -26.24 25.67
C VAL A 137 -17.31 -25.90 24.38
N LEU A 138 -17.88 -25.00 23.59
CA LEU A 138 -17.26 -24.59 22.35
C LEU A 138 -15.90 -23.95 22.63
N GLN A 139 -15.83 -23.10 23.66
CA GLN A 139 -14.58 -22.43 24.05
C GLN A 139 -13.48 -23.44 24.39
N TYR A 140 -13.83 -24.45 25.16
CA TYR A 140 -12.90 -25.51 25.51
C TYR A 140 -12.46 -26.29 24.29
N ALA A 141 -13.42 -26.60 23.41
CA ALA A 141 -13.15 -27.37 22.19
C ALA A 141 -12.23 -26.60 21.24
N LEU A 142 -12.44 -25.29 21.18
CA LEU A 142 -11.64 -24.41 20.35
C LEU A 142 -10.20 -24.43 20.80
N VAL A 143 -9.95 -24.27 22.11
CA VAL A 143 -8.56 -24.19 22.54
C VAL A 143 -7.87 -25.56 22.37
N VAL A 144 -8.60 -26.62 22.66
CA VAL A 144 -8.03 -27.95 22.47
C VAL A 144 -7.80 -28.23 20.96
N SER A 145 -8.69 -27.76 20.09
CA SER A 145 -8.47 -27.95 18.65
C SER A 145 -7.31 -27.09 18.15
N TYR A 146 -7.23 -25.88 18.69
CA TYR A 146 -6.18 -24.94 18.36
C TYR A 146 -4.81 -25.49 18.74
N ALA A 147 -4.73 -26.09 19.92
CA ALA A 147 -3.46 -26.59 20.44
C ALA A 147 -3.04 -27.88 19.79
N ASN A 148 -4.00 -28.77 19.57
CA ASN A 148 -3.64 -30.11 19.14
C ASN A 148 -4.43 -30.63 17.92
N GLY A 149 -5.24 -29.78 17.31
CA GLY A 149 -5.92 -30.15 16.08
C GLY A 149 -7.35 -30.62 16.29
N ALA A 150 -8.25 -30.14 15.44
CA ALA A 150 -9.66 -30.49 15.54
C ALA A 150 -9.87 -31.99 15.35
N GLY A 151 -9.23 -32.55 14.35
CA GLY A 151 -9.41 -33.95 14.03
C GLY A 151 -9.05 -34.83 15.21
N ALA A 152 -7.93 -34.52 15.86
CA ALA A 152 -7.51 -35.30 17.00
C ALA A 152 -8.57 -35.22 18.10
N LEU A 153 -9.14 -34.05 18.31
CA LEU A 153 -10.21 -33.93 19.30
C LEU A 153 -11.44 -34.73 18.88
N LEU A 154 -11.93 -34.49 17.68
CA LEU A 154 -13.17 -35.09 17.24
C LEU A 154 -13.09 -36.62 17.21
N ARG A 155 -11.95 -37.17 16.79
CA ARG A 155 -11.81 -38.63 16.68
C ARG A 155 -11.86 -39.34 18.04
N THR A 156 -11.69 -38.60 19.14
CA THR A 156 -11.85 -39.24 20.46
C THR A 156 -13.32 -39.48 20.78
N PHE A 157 -14.21 -38.87 20.01
CA PHE A 157 -15.65 -39.10 20.14
C PHE A 157 -16.19 -40.06 19.08
N SER A 158 -15.77 -39.84 17.84
CA SER A 158 -16.24 -40.66 16.73
C SER A 158 -15.42 -40.39 15.48
N SER A 159 -15.36 -41.37 14.60
CA SER A 159 -14.75 -41.17 13.30
C SER A 159 -15.65 -40.32 12.41
N ASP A 160 -16.96 -40.34 12.70
CA ASP A 160 -17.94 -39.54 11.96
C ASP A 160 -18.15 -38.17 12.62
N ARG A 161 -17.91 -37.09 11.87
CA ARG A 161 -17.96 -35.75 12.44
C ARG A 161 -19.30 -35.39 13.08
N LYS A 162 -20.41 -35.68 12.41
CA LYS A 162 -21.70 -35.33 13.00
C LYS A 162 -21.94 -36.06 14.30
N LYS A 163 -21.45 -37.30 14.39
CA LYS A 163 -21.64 -38.08 15.59
C LYS A 163 -20.76 -37.50 16.71
N ALA A 164 -19.56 -37.05 16.35
CA ALA A 164 -18.65 -36.45 17.31
C ALA A 164 -19.27 -35.21 17.93
N ILE A 165 -19.75 -34.31 17.06
CA ILE A 165 -20.42 -33.11 17.51
C ILE A 165 -21.61 -33.47 18.39
N SER A 166 -22.36 -34.49 17.97
CA SER A 166 -23.53 -34.91 18.72
C SER A 166 -23.16 -35.33 20.15
N LYS A 167 -22.08 -36.09 20.25
CA LYS A 167 -21.56 -36.58 21.53
C LYS A 167 -21.01 -35.43 22.36
N ILE A 168 -20.38 -34.47 21.70
CA ILE A 168 -19.90 -33.29 22.41
C ILE A 168 -21.09 -32.52 22.99
N ASN A 169 -22.17 -32.42 22.23
CA ASN A 169 -23.35 -31.69 22.69
C ASN A 169 -24.07 -32.35 23.87
N ASP A 170 -23.75 -33.62 24.14
CA ASP A 170 -24.28 -34.32 25.31
C ASP A 170 -23.55 -33.99 26.61
N LEU A 171 -22.45 -33.23 26.53
CA LEU A 171 -21.64 -32.94 27.70
C LEU A 171 -21.75 -31.47 28.11
N ASP A 172 -21.63 -31.20 29.41
CA ASP A 172 -21.40 -29.83 29.84
C ASP A 172 -19.89 -29.56 29.80
N ALA A 173 -19.49 -28.33 30.09
CA ALA A 173 -18.10 -27.93 29.96
C ALA A 173 -17.18 -28.75 30.89
N ASP A 174 -17.62 -29.06 32.09
CA ASP A 174 -16.78 -29.82 33.02
C ASP A 174 -16.64 -31.27 32.53
N GLU A 175 -17.71 -31.85 32.02
CA GLU A 175 -17.64 -33.21 31.49
C GLU A 175 -16.78 -33.28 30.22
N PHE A 176 -16.78 -32.20 29.44
CA PHE A 176 -15.92 -32.13 28.27
C PHE A 176 -14.45 -32.17 28.68
N LEU A 177 -14.10 -31.36 29.68
CA LEU A 177 -12.74 -31.33 30.20
C LEU A 177 -12.30 -32.71 30.68
N GLU A 178 -13.19 -33.39 31.39
CA GLU A 178 -12.91 -34.70 31.94
C GLU A 178 -12.65 -35.69 30.81
N HIS A 179 -13.49 -35.65 29.79
CA HIS A 179 -13.30 -36.51 28.61
C HIS A 179 -11.96 -36.28 27.93
N VAL A 180 -11.60 -35.00 27.77
CA VAL A 180 -10.32 -34.67 27.17
C VAL A 180 -9.16 -35.17 28.04
N ALA A 181 -9.28 -35.00 29.36
CA ALA A 181 -8.26 -35.46 30.27
C ALA A 181 -8.10 -36.99 30.22
N ARG A 182 -9.20 -37.71 30.02
CA ARG A 182 -9.14 -39.16 30.02
C ARG A 182 -8.73 -39.72 28.68
N ASN A 183 -9.16 -39.07 27.59
CA ASN A 183 -9.19 -39.71 26.26
C ASN A 183 -8.38 -39.05 25.15
N HIS A 184 -7.96 -37.81 25.35
CA HIS A 184 -7.16 -37.14 24.36
C HIS A 184 -5.72 -37.66 24.48
N PRO A 185 -5.12 -38.07 23.35
CA PRO A 185 -3.76 -38.64 23.44
C PRO A 185 -2.67 -37.64 23.83
N ALA A 186 -2.84 -36.36 23.50
CA ALA A 186 -1.94 -35.31 23.97
C ALA A 186 -2.20 -34.81 25.40
N PRO A 187 -1.21 -35.01 26.29
CA PRO A 187 -1.32 -34.51 27.68
C PRO A 187 -1.49 -32.98 27.75
N GLN A 188 -1.01 -32.28 26.72
CA GLN A 188 -1.13 -30.82 26.63
C GLN A 188 -2.59 -30.36 26.53
N ALA A 189 -3.47 -31.23 26.04
CA ALA A 189 -4.82 -30.83 25.69
C ALA A 189 -5.61 -30.42 26.95
N PRO A 190 -5.72 -31.31 27.94
CA PRO A 190 -6.46 -30.86 29.11
C PRO A 190 -5.78 -29.73 29.88
N ARG A 191 -4.45 -29.70 29.84
CA ARG A 191 -3.70 -28.69 30.58
C ARG A 191 -4.03 -27.31 30.02
N TYR A 192 -4.32 -27.27 28.73
CA TYR A 192 -4.63 -26.02 28.06
C TYR A 192 -5.91 -25.41 28.60
N ILE A 193 -6.89 -26.26 28.88
CA ILE A 193 -8.14 -25.81 29.44
C ILE A 193 -7.88 -25.26 30.83
N TYR A 194 -7.08 -25.99 31.61
CA TYR A 194 -6.74 -25.53 32.95
C TYR A 194 -6.08 -24.16 32.86
N LYS A 195 -5.14 -23.99 31.94
CA LYS A 195 -4.46 -22.71 31.78
C LYS A 195 -5.41 -21.59 31.31
N LEU A 196 -6.32 -21.93 30.40
CA LEU A 196 -7.32 -20.98 29.93
C LEU A 196 -8.07 -20.36 31.10
N GLU A 197 -8.50 -21.17 32.06
CA GLU A 197 -9.28 -20.66 33.19
C GLU A 197 -8.41 -19.84 34.13
N GLN A 198 -7.18 -20.30 34.37
CA GLN A 198 -6.21 -19.48 35.11
C GLN A 198 -6.04 -18.11 34.43
N ALA A 199 -5.95 -18.10 33.10
CA ALA A 199 -5.71 -16.86 32.35
C ALA A 199 -6.90 -15.89 32.38
N LEU A 200 -8.10 -16.44 32.20
CA LEU A 200 -9.31 -15.64 32.18
C LEU A 200 -9.45 -14.90 33.52
N ASP A 201 -9.12 -15.57 34.62
CA ASP A 201 -9.15 -14.91 35.93
C ASP A 201 -8.16 -13.78 36.14
N ALA A 202 -7.04 -13.80 35.43
CA ALA A 202 -6.01 -12.80 35.65
C ALA A 202 -6.34 -11.54 34.89
N MET A 203 -7.48 -11.54 34.23
CA MET A 203 -7.88 -10.43 33.40
C MET A 203 -8.82 -9.49 34.14
N LYS B 19 -34.18 5.23 -18.91
CA LYS B 19 -33.64 6.50 -19.40
C LYS B 19 -32.25 6.29 -20.01
N HIS B 20 -31.35 5.71 -19.23
CA HIS B 20 -29.97 5.48 -19.69
C HIS B 20 -29.96 4.56 -20.91
N ASP B 21 -29.23 4.94 -21.95
CA ASP B 21 -29.12 4.08 -23.13
C ASP B 21 -27.97 3.09 -22.91
N TYR B 22 -28.20 2.15 -22.01
CA TYR B 22 -27.10 1.41 -21.42
C TYR B 22 -26.58 0.22 -22.25
N THR B 23 -27.33 -0.24 -23.25
CA THR B 23 -26.89 -1.33 -24.12
C THR B 23 -26.20 -0.89 -25.41
N ASN B 24 -26.20 0.41 -25.71
CA ASN B 24 -25.51 0.93 -26.90
C ASN B 24 -24.30 1.78 -26.56
N PRO B 25 -23.18 1.57 -27.24
CA PRO B 25 -22.99 0.54 -28.27
C PRO B 25 -22.83 -0.85 -27.66
N PRO B 26 -23.02 -1.89 -28.48
CA PRO B 26 -22.79 -3.24 -27.96
C PRO B 26 -21.37 -3.39 -27.43
N TRP B 27 -21.20 -4.22 -26.40
CA TRP B 27 -19.89 -4.54 -25.85
C TRP B 27 -19.59 -6.02 -26.07
N ASN B 28 -18.50 -6.28 -26.80
CA ASN B 28 -18.13 -7.65 -27.11
C ASN B 28 -17.25 -8.26 -26.04
N ALA B 29 -17.80 -9.25 -25.34
CA ALA B 29 -17.17 -9.81 -24.15
C ALA B 29 -16.11 -10.86 -24.47
N LYS B 30 -16.08 -11.30 -25.72
CA LYS B 30 -15.27 -12.44 -26.15
C LYS B 30 -13.84 -12.40 -25.61
N VAL B 31 -13.06 -11.40 -26.01
CA VAL B 31 -11.66 -11.35 -25.62
C VAL B 31 -11.48 -11.05 -24.12
N PRO B 32 -12.21 -10.05 -23.59
CA PRO B 32 -12.05 -9.80 -22.15
C PRO B 32 -12.31 -11.04 -21.28
N VAL B 33 -13.35 -11.80 -21.61
CA VAL B 33 -13.67 -12.99 -20.84
C VAL B 33 -12.62 -14.09 -21.09
N GLN B 34 -12.15 -14.20 -22.32
CA GLN B 34 -11.09 -15.16 -22.63
C GLN B 34 -9.88 -14.93 -21.74
N ARG B 35 -9.50 -13.66 -21.58
CA ARG B 35 -8.34 -13.33 -20.76
C ARG B 35 -8.67 -13.53 -19.28
N ALA B 36 -9.86 -13.10 -18.88
CA ALA B 36 -10.28 -13.24 -17.50
C ALA B 36 -10.32 -14.71 -17.10
N MET B 37 -10.72 -15.56 -18.04
CA MET B 37 -10.78 -17.00 -17.78
C MET B 37 -9.40 -17.62 -17.51
N GLN B 38 -8.33 -16.95 -17.96
CA GLN B 38 -6.98 -17.45 -17.69
C GLN B 38 -6.68 -17.36 -16.20
N TRP B 39 -7.46 -16.59 -15.47
CA TRP B 39 -7.30 -16.48 -14.02
C TRP B 39 -8.29 -17.34 -13.26
N MET B 40 -9.06 -18.14 -13.98
CA MET B 40 -10.15 -18.89 -13.38
C MET B 40 -9.70 -19.77 -12.23
N PRO B 41 -8.53 -20.43 -12.33
CA PRO B 41 -8.13 -21.18 -11.15
C PRO B 41 -8.07 -20.36 -9.88
N ILE B 42 -7.56 -19.13 -9.96
CA ILE B 42 -7.48 -18.25 -8.78
C ILE B 42 -8.89 -17.80 -8.38
N SER B 43 -9.73 -17.52 -9.37
CA SER B 43 -11.05 -17.02 -9.09
C SER B 43 -11.89 -18.08 -8.39
N GLN B 44 -11.72 -19.33 -8.79
CA GLN B 44 -12.43 -20.44 -8.18
C GLN B 44 -12.00 -20.55 -6.72
N LYS B 45 -10.70 -20.46 -6.44
CA LYS B 45 -10.25 -20.55 -5.04
C LYS B 45 -10.79 -19.36 -4.23
N ALA B 46 -10.59 -18.16 -4.74
CA ALA B 46 -11.00 -16.95 -4.06
C ALA B 46 -12.49 -17.00 -3.82
N GLY B 47 -13.24 -17.44 -4.83
CA GLY B 47 -14.69 -17.51 -4.72
C GLY B 47 -15.15 -18.51 -3.66
N ALA B 48 -14.55 -19.70 -3.67
CA ALA B 48 -14.92 -20.71 -2.70
C ALA B 48 -14.58 -20.21 -1.29
N ALA B 49 -13.43 -19.54 -1.14
CA ALA B 49 -13.01 -19.08 0.18
C ALA B 49 -13.97 -18.03 0.74
N TRP B 50 -14.47 -17.17 -0.14
CA TRP B 50 -15.28 -16.05 0.28
C TRP B 50 -16.78 -16.22 0.02
N GLY B 51 -17.21 -17.39 -0.43
CA GLY B 51 -18.62 -17.58 -0.75
C GLY B 51 -19.08 -16.67 -1.88
N VAL B 52 -18.23 -16.50 -2.89
CA VAL B 52 -18.57 -15.66 -4.04
C VAL B 52 -18.49 -16.47 -5.35
N ASP B 53 -19.43 -16.21 -6.25
CA ASP B 53 -19.50 -16.92 -7.53
C ASP B 53 -18.26 -16.61 -8.40
N PRO B 54 -17.48 -17.65 -8.75
CA PRO B 54 -16.29 -17.45 -9.59
C PRO B 54 -16.63 -16.78 -10.95
N GLN B 55 -17.85 -16.98 -11.44
CA GLN B 55 -18.25 -16.37 -12.70
C GLN B 55 -18.48 -14.89 -12.54
N LEU B 56 -18.95 -14.48 -11.38
CA LEU B 56 -19.12 -13.06 -11.08
C LEU B 56 -17.75 -12.40 -11.00
N ILE B 57 -16.83 -13.07 -10.34
CA ILE B 57 -15.45 -12.59 -10.27
C ILE B 57 -14.84 -12.48 -11.66
N THR B 58 -15.04 -13.50 -12.46
CA THR B 58 -14.49 -13.53 -13.80
C THR B 58 -15.06 -12.37 -14.61
N ALA B 59 -16.37 -12.17 -14.51
CA ALA B 59 -17.04 -11.07 -15.25
C ALA B 59 -16.45 -9.72 -14.90
N ILE B 60 -16.17 -9.55 -13.60
CA ILE B 60 -15.67 -8.28 -13.10
C ILE B 60 -14.26 -8.02 -13.62
N ILE B 61 -13.45 -9.07 -13.62
CA ILE B 61 -12.11 -8.98 -14.16
C ILE B 61 -12.20 -8.56 -15.62
N ALA B 62 -13.04 -9.25 -16.39
CA ALA B 62 -13.19 -8.95 -17.81
C ALA B 62 -13.61 -7.50 -18.02
N ILE B 63 -14.58 -7.05 -17.25
CA ILE B 63 -15.17 -5.72 -17.40
C ILE B 63 -14.25 -4.60 -16.93
N GLU B 64 -13.54 -4.83 -15.82
CA GLU B 64 -12.73 -3.77 -15.20
C GLU B 64 -11.41 -3.57 -15.89
N SER B 65 -10.73 -4.67 -16.18
CA SER B 65 -9.37 -4.56 -16.67
C SER B 65 -9.15 -5.32 -17.97
N GLY B 66 -10.12 -6.10 -18.41
CA GLY B 66 -9.93 -7.00 -19.53
C GLY B 66 -8.87 -8.05 -19.30
N GLY B 67 -8.58 -8.37 -18.04
CA GLY B 67 -7.57 -9.38 -17.73
C GLY B 67 -6.15 -8.84 -17.66
N ASN B 68 -6.00 -7.53 -17.74
CA ASN B 68 -4.69 -6.90 -17.61
C ASN B 68 -4.35 -6.64 -16.13
N PRO B 69 -3.41 -7.41 -15.57
CA PRO B 69 -3.11 -7.33 -14.14
C PRO B 69 -2.36 -6.06 -13.76
N ASN B 70 -1.85 -5.35 -14.76
CA ASN B 70 -1.09 -4.11 -14.56
C ASN B 70 -1.94 -2.86 -14.77
N ALA B 71 -3.24 -3.03 -15.03
CA ALA B 71 -4.12 -1.90 -15.28
C ALA B 71 -4.16 -0.92 -14.11
N VAL B 72 -4.11 0.37 -14.44
CA VAL B 72 -4.23 1.45 -13.45
C VAL B 72 -5.13 2.54 -14.03
N SER B 73 -6.24 2.82 -13.36
CA SER B 73 -7.16 3.82 -13.87
C SER B 73 -6.71 5.20 -13.47
N LYS B 74 -7.37 6.21 -14.04
CA LYS B 74 -7.03 7.60 -13.77
C LYS B 74 -7.31 7.97 -12.32
N SER B 75 -8.22 7.27 -11.70
CA SER B 75 -8.58 7.51 -10.30
C SER B 75 -7.86 6.51 -9.37
N ASN B 76 -6.84 5.86 -9.92
CA ASN B 76 -5.98 4.95 -9.16
C ASN B 76 -6.63 3.63 -8.73
N ALA B 77 -7.59 3.12 -9.50
CA ALA B 77 -8.07 1.75 -9.29
C ALA B 77 -7.04 0.83 -9.93
N ILE B 78 -6.74 -0.29 -9.29
CA ILE B 78 -5.55 -1.05 -9.65
C ILE B 78 -5.83 -2.51 -9.95
N GLY B 79 -5.18 -3.04 -10.97
CA GLY B 79 -5.14 -4.48 -11.16
C GLY B 79 -6.39 -5.10 -11.78
N LEU B 80 -6.46 -6.44 -11.69
CA LEU B 80 -7.44 -7.20 -12.44
C LEU B 80 -8.87 -6.77 -12.15
N MET B 81 -9.19 -6.53 -10.88
CA MET B 81 -10.56 -6.18 -10.54
C MET B 81 -10.69 -4.69 -10.20
N GLN B 82 -9.63 -3.94 -10.47
CA GLN B 82 -9.64 -2.48 -10.34
C GLN B 82 -10.12 -2.03 -8.95
N LEU B 83 -9.39 -2.44 -7.92
CA LEU B 83 -9.68 -2.00 -6.56
C LEU B 83 -8.91 -0.71 -6.25
N LYS B 84 -9.56 0.21 -5.56
CA LYS B 84 -8.86 1.37 -5.02
C LYS B 84 -8.38 1.05 -3.61
N ALA B 85 -7.10 1.27 -3.38
CA ALA B 85 -6.53 1.03 -2.07
C ALA B 85 -7.29 1.76 -0.99
N SER B 86 -7.61 3.02 -1.23
CA SER B 86 -8.12 3.91 -0.18
C SER B 86 -9.57 3.61 0.20
N THR B 87 -10.27 2.86 -0.64
CA THR B 87 -11.66 2.55 -0.36
C THR B 87 -11.89 1.07 -0.11
N SER B 88 -12.10 0.30 -1.18
CA SER B 88 -12.35 -1.13 -1.05
C SER B 88 -11.14 -1.84 -0.45
N GLY B 89 -9.93 -1.39 -0.78
CA GLY B 89 -8.71 -1.97 -0.23
C GLY B 89 -8.68 -1.84 1.29
N ARG B 90 -8.97 -0.63 1.76
CA ARG B 90 -9.02 -0.34 3.19
C ARG B 90 -10.08 -1.19 3.87
N ASP B 91 -11.23 -1.35 3.21
CA ASP B 91 -12.34 -2.12 3.75
C ASP B 91 -11.96 -3.58 3.91
N VAL B 92 -11.25 -4.12 2.91
CA VAL B 92 -10.85 -5.51 2.98
C VAL B 92 -9.83 -5.71 4.11
N TYR B 93 -8.87 -4.79 4.21
CA TYR B 93 -7.90 -4.89 5.30
C TYR B 93 -8.62 -4.91 6.65
N ARG B 94 -9.55 -3.98 6.85
CA ARG B 94 -10.31 -3.90 8.08
C ARG B 94 -10.93 -5.28 8.38
N ARG B 95 -11.51 -5.90 7.36
CA ARG B 95 -12.15 -7.21 7.52
C ARG B 95 -11.16 -8.29 7.94
N MET B 96 -9.89 -8.13 7.57
CA MET B 96 -8.84 -9.06 7.97
C MET B 96 -8.31 -8.82 9.36
N GLY B 97 -8.64 -7.68 9.95
CA GLY B 97 -8.03 -7.33 11.22
C GLY B 97 -6.70 -6.62 11.01
N TRP B 98 -6.51 -6.04 9.84
CA TRP B 98 -5.28 -5.30 9.51
C TRP B 98 -5.44 -3.81 9.51
N SER B 99 -4.36 -3.11 9.83
CA SER B 99 -4.34 -1.66 9.72
C SER B 99 -3.99 -1.21 8.31
N GLY B 100 -4.27 0.05 8.00
CA GLY B 100 -3.85 0.61 6.74
C GLY B 100 -4.55 0.05 5.52
N GLU B 101 -3.86 0.07 4.39
CA GLU B 101 -4.49 -0.33 3.14
C GLU B 101 -3.43 -0.94 2.24
N PRO B 102 -3.85 -1.75 1.26
CA PRO B 102 -2.83 -2.38 0.41
C PRO B 102 -2.05 -1.36 -0.43
N THR B 103 -0.82 -1.73 -0.78
CA THR B 103 0.02 -0.94 -1.65
C THR B 103 -0.33 -1.25 -3.10
N THR B 104 0.13 -0.38 -3.99
CA THR B 104 -0.02 -0.58 -5.43
C THR B 104 0.59 -1.92 -5.82
N SER B 105 1.72 -2.22 -5.20
CA SER B 105 2.42 -3.47 -5.40
C SER B 105 1.52 -4.67 -5.04
N GLU B 106 0.90 -4.61 -3.87
CA GLU B 106 0.04 -5.68 -3.42
C GLU B 106 -1.17 -5.81 -4.35
N LEU B 107 -1.67 -4.68 -4.83
CA LEU B 107 -2.83 -4.68 -5.71
C LEU B 107 -2.53 -5.17 -7.12
N LYS B 108 -1.27 -5.11 -7.53
CA LYS B 108 -0.92 -5.58 -8.88
C LYS B 108 -0.64 -7.09 -8.92
N ASN B 109 -0.39 -7.68 -7.76
CA ASN B 109 -0.27 -9.12 -7.63
C ASN B 109 -1.63 -9.76 -7.93
N PRO B 110 -1.71 -10.58 -9.00
CA PRO B 110 -3.00 -11.07 -9.47
C PRO B 110 -3.79 -11.83 -8.40
N GLU B 111 -3.11 -12.72 -7.70
CA GLU B 111 -3.72 -13.52 -6.67
C GLU B 111 -4.26 -12.65 -5.55
N ARG B 112 -3.46 -11.69 -5.09
CA ARG B 112 -3.85 -10.81 -4.00
C ARG B 112 -5.03 -9.96 -4.47
N ASN B 113 -4.96 -9.53 -5.72
CA ASN B 113 -6.00 -8.68 -6.26
C ASN B 113 -7.35 -9.40 -6.29
N ILE B 114 -7.35 -10.59 -6.86
CA ILE B 114 -8.59 -11.35 -6.99
C ILE B 114 -9.18 -11.71 -5.62
N SER B 115 -8.29 -12.10 -4.71
CA SER B 115 -8.69 -12.41 -3.35
C SER B 115 -9.30 -11.19 -2.62
N MET B 116 -8.76 -10.02 -2.87
CA MET B 116 -9.33 -8.81 -2.29
C MET B 116 -10.67 -8.46 -2.92
N GLY B 117 -10.77 -8.64 -4.23
CA GLY B 117 -12.02 -8.42 -4.93
C GLY B 117 -13.12 -9.33 -4.40
N ALA B 118 -12.77 -10.60 -4.18
CA ALA B 118 -13.72 -11.55 -3.65
C ALA B 118 -14.12 -11.18 -2.23
N ALA B 119 -13.13 -10.85 -1.39
CA ALA B 119 -13.43 -10.45 -0.03
C ALA B 119 -14.39 -9.25 -0.06
N TYR B 120 -14.11 -8.30 -0.94
CA TYR B 120 -14.92 -7.10 -1.01
C TYR B 120 -16.38 -7.41 -1.40
N LEU B 121 -16.56 -8.32 -2.35
CA LEU B 121 -17.90 -8.72 -2.75
C LEU B 121 -18.61 -9.35 -1.56
N ASN B 122 -17.89 -10.15 -0.79
CA ASN B 122 -18.44 -10.75 0.41
C ASN B 122 -18.84 -9.66 1.41
N ILE B 123 -17.99 -8.66 1.57
CA ILE B 123 -18.28 -7.56 2.49
C ILE B 123 -19.53 -6.80 2.08
N LEU B 124 -19.69 -6.55 0.80
CA LEU B 124 -20.90 -5.89 0.31
C LEU B 124 -22.13 -6.73 0.61
N GLU B 125 -22.03 -8.02 0.29
CA GLU B 125 -23.13 -8.96 0.44
C GLU B 125 -23.58 -9.11 1.90
N THR B 126 -22.60 -9.17 2.80
CA THR B 126 -22.87 -9.42 4.22
C THR B 126 -23.16 -8.15 5.05
N GLY B 127 -22.80 -6.99 4.52
CA GLY B 127 -23.06 -5.72 5.17
C GLY B 127 -24.22 -4.96 4.54
N PRO B 128 -23.92 -3.95 3.70
CA PRO B 128 -24.97 -3.05 3.21
C PRO B 128 -26.04 -3.75 2.38
N LEU B 129 -25.67 -4.82 1.69
CA LEU B 129 -26.64 -5.49 0.85
C LEU B 129 -27.34 -6.64 1.54
N ALA B 130 -27.10 -6.83 2.83
CA ALA B 130 -27.66 -7.97 3.56
C ALA B 130 -29.18 -7.93 3.55
N GLY B 131 -29.79 -9.08 3.35
CA GLY B 131 -31.24 -9.16 3.37
C GLY B 131 -31.82 -9.26 1.98
N ILE B 132 -31.00 -9.05 0.95
CA ILE B 132 -31.51 -9.24 -0.40
C ILE B 132 -31.70 -10.74 -0.64
N GLU B 133 -32.91 -11.16 -0.96
CA GLU B 133 -33.26 -12.58 -0.96
C GLU B 133 -33.00 -13.29 -2.31
N ASP B 134 -33.31 -12.63 -3.42
CA ASP B 134 -33.14 -13.24 -4.73
C ASP B 134 -31.68 -13.15 -5.20
N PRO B 135 -31.07 -14.32 -5.47
CA PRO B 135 -29.66 -14.34 -5.83
C PRO B 135 -29.34 -13.54 -7.09
N LYS B 136 -30.27 -13.49 -8.03
CA LYS B 136 -30.01 -12.79 -9.25
C LYS B 136 -30.05 -11.28 -9.02
N VAL B 137 -31.04 -10.84 -8.25
CA VAL B 137 -31.12 -9.44 -7.85
C VAL B 137 -29.85 -9.06 -7.04
N LEU B 138 -29.41 -9.96 -6.17
CA LEU B 138 -28.21 -9.71 -5.39
C LEU B 138 -27.00 -9.53 -6.34
N GLN B 139 -26.94 -10.38 -7.35
CA GLN B 139 -25.85 -10.29 -8.30
C GLN B 139 -25.80 -8.92 -8.98
N TYR B 140 -26.95 -8.44 -9.40
CA TYR B 140 -27.02 -7.14 -10.03
C TYR B 140 -26.66 -6.03 -9.05
N ALA B 141 -27.20 -6.13 -7.83
CA ALA B 141 -26.92 -5.16 -6.81
C ALA B 141 -25.44 -5.15 -6.47
N LEU B 142 -24.80 -6.32 -6.54
CA LEU B 142 -23.38 -6.40 -6.22
C LEU B 142 -22.55 -5.60 -7.22
N VAL B 143 -22.76 -5.81 -8.52
CA VAL B 143 -21.93 -5.08 -9.49
C VAL B 143 -22.19 -3.57 -9.48
N VAL B 144 -23.46 -3.18 -9.28
CA VAL B 144 -23.78 -1.77 -9.21
C VAL B 144 -23.11 -1.16 -7.97
N SER B 145 -23.06 -1.91 -6.89
CA SER B 145 -22.47 -1.41 -5.66
C SER B 145 -20.96 -1.34 -5.80
N TYR B 146 -20.41 -2.35 -6.47
CA TYR B 146 -18.98 -2.45 -6.70
C TYR B 146 -18.49 -1.24 -7.50
N ALA B 147 -19.26 -0.88 -8.51
CA ALA B 147 -18.89 0.24 -9.38
C ALA B 147 -19.13 1.63 -8.77
N ASN B 148 -20.28 1.86 -8.14
CA ASN B 148 -20.63 3.22 -7.73
C ASN B 148 -21.03 3.36 -6.25
N GLY B 149 -20.87 2.29 -5.47
CA GLY B 149 -21.07 2.39 -4.04
C GLY B 149 -22.44 1.88 -3.61
N ALA B 150 -22.46 1.12 -2.52
CA ALA B 150 -23.68 0.50 -2.02
C ALA B 150 -24.69 1.55 -1.53
N GLY B 151 -24.20 2.55 -0.80
CA GLY B 151 -25.05 3.58 -0.26
C GLY B 151 -25.76 4.30 -1.38
N ALA B 152 -25.00 4.61 -2.44
CA ALA B 152 -25.57 5.30 -3.58
C ALA B 152 -26.68 4.45 -4.19
N LEU B 153 -26.48 3.14 -4.29
CA LEU B 153 -27.54 2.28 -4.79
C LEU B 153 -28.75 2.31 -3.87
N LEU B 154 -28.51 2.05 -2.59
CA LEU B 154 -29.61 1.91 -1.64
C LEU B 154 -30.46 3.17 -1.58
N ARG B 155 -29.81 4.33 -1.63
CA ARG B 155 -30.51 5.60 -1.57
C ARG B 155 -31.38 5.88 -2.79
N THR B 156 -31.21 5.14 -3.90
CA THR B 156 -32.15 5.31 -5.01
C THR B 156 -33.48 4.62 -4.67
N PHE B 157 -33.49 3.78 -3.65
CA PHE B 157 -34.73 3.16 -3.22
C PHE B 157 -35.34 3.87 -2.01
N SER B 158 -34.51 4.21 -1.03
CA SER B 158 -34.97 4.87 0.19
C SER B 158 -33.80 5.43 0.98
N SER B 159 -34.05 6.46 1.79
CA SER B 159 -33.02 6.98 2.69
C SER B 159 -32.82 6.01 3.86
N ASP B 160 -33.83 5.20 4.11
CA ASP B 160 -33.80 4.20 5.15
C ASP B 160 -33.32 2.89 4.54
N ARG B 161 -32.16 2.43 4.99
CA ARG B 161 -31.55 1.24 4.44
C ARG B 161 -32.45 0.00 4.56
N LYS B 162 -33.13 -0.17 5.69
CA LYS B 162 -34.04 -1.29 5.85
C LYS B 162 -35.15 -1.27 4.82
N LYS B 163 -35.67 -0.08 4.55
CA LYS B 163 -36.76 0.08 3.61
C LYS B 163 -36.23 -0.12 2.19
N ALA B 164 -35.00 0.31 1.97
CA ALA B 164 -34.33 0.11 0.69
C ALA B 164 -34.23 -1.37 0.36
N ILE B 165 -33.76 -2.15 1.32
CA ILE B 165 -33.67 -3.61 1.13
C ILE B 165 -35.08 -4.18 0.88
N SER B 166 -36.06 -3.72 1.64
CA SER B 166 -37.44 -4.18 1.49
C SER B 166 -37.99 -3.93 0.08
N LYS B 167 -37.72 -2.75 -0.46
CA LYS B 167 -38.20 -2.39 -1.79
C LYS B 167 -37.50 -3.23 -2.85
N ILE B 168 -36.20 -3.45 -2.63
CA ILE B 168 -35.41 -4.26 -3.54
C ILE B 168 -35.99 -5.66 -3.60
N ASN B 169 -36.38 -6.21 -2.46
CA ASN B 169 -36.91 -7.58 -2.43
C ASN B 169 -38.27 -7.72 -3.11
N ASP B 170 -38.94 -6.60 -3.37
CA ASP B 170 -40.21 -6.61 -4.10
C ASP B 170 -40.01 -6.72 -5.60
N LEU B 171 -38.76 -6.64 -6.06
CA LEU B 171 -38.47 -6.65 -7.49
C LEU B 171 -37.75 -7.92 -7.92
N ASP B 172 -38.00 -8.38 -9.15
CA ASP B 172 -37.12 -9.38 -9.77
C ASP B 172 -35.95 -8.69 -10.44
N ALA B 173 -35.04 -9.47 -11.01
CA ALA B 173 -33.77 -8.93 -11.49
C ALA B 173 -33.98 -7.91 -12.60
N ASP B 174 -34.95 -8.17 -13.46
CA ASP B 174 -35.25 -7.29 -14.58
C ASP B 174 -35.85 -5.97 -14.12
N GLU B 175 -36.72 -6.03 -13.12
CA GLU B 175 -37.30 -4.81 -12.57
C GLU B 175 -36.24 -4.00 -11.81
N PHE B 176 -35.29 -4.70 -11.18
CA PHE B 176 -34.17 -4.03 -10.51
C PHE B 176 -33.33 -3.24 -11.52
N LEU B 177 -32.96 -3.89 -12.62
CA LEU B 177 -32.21 -3.22 -13.69
C LEU B 177 -32.99 -2.00 -14.19
N GLU B 178 -34.29 -2.16 -14.38
CA GLU B 178 -35.10 -1.06 -14.88
C GLU B 178 -35.05 0.12 -13.90
N HIS B 179 -35.22 -0.17 -12.62
CA HIS B 179 -35.17 0.89 -11.61
C HIS B 179 -33.81 1.60 -11.68
N VAL B 180 -32.74 0.82 -11.75
CA VAL B 180 -31.40 1.38 -11.82
C VAL B 180 -31.21 2.21 -13.10
N ALA B 181 -31.70 1.74 -14.24
CA ALA B 181 -31.61 2.52 -15.48
C ALA B 181 -32.39 3.84 -15.40
N ARG B 182 -33.52 3.82 -14.72
CA ARG B 182 -34.35 5.01 -14.64
C ARG B 182 -33.91 5.96 -13.51
N ASN B 183 -33.40 5.42 -12.42
CA ASN B 183 -33.24 6.23 -11.20
C ASN B 183 -31.82 6.36 -10.66
N HIS B 184 -30.90 5.52 -11.10
CA HIS B 184 -29.53 5.63 -10.61
C HIS B 184 -28.81 6.78 -11.33
N PRO B 185 -28.17 7.68 -10.57
CA PRO B 185 -27.52 8.86 -11.17
C PRO B 185 -26.27 8.58 -12.04
N ALA B 186 -25.58 7.49 -11.74
CA ALA B 186 -24.47 7.02 -12.57
C ALA B 186 -24.89 6.22 -13.80
N PRO B 187 -24.63 6.76 -14.99
CA PRO B 187 -24.95 5.97 -16.19
C PRO B 187 -24.21 4.64 -16.26
N GLN B 188 -23.13 4.53 -15.48
CA GLN B 188 -22.32 3.33 -15.45
C GLN B 188 -23.07 2.15 -14.87
N ALA B 189 -24.06 2.45 -14.04
CA ALA B 189 -24.70 1.42 -13.24
C ALA B 189 -25.47 0.42 -14.09
N PRO B 190 -26.46 0.88 -14.88
CA PRO B 190 -27.15 -0.13 -15.69
C PRO B 190 -26.21 -0.70 -16.76
N ARG B 191 -25.20 0.08 -17.17
CA ARG B 191 -24.25 -0.35 -18.19
C ARG B 191 -23.48 -1.56 -17.67
N TYR B 192 -23.17 -1.53 -16.39
CA TYR B 192 -22.41 -2.63 -15.79
C TYR B 192 -23.24 -3.93 -15.82
N ILE B 193 -24.53 -3.81 -15.56
CA ILE B 193 -25.40 -4.98 -15.59
C ILE B 193 -25.50 -5.54 -17.01
N TYR B 194 -25.64 -4.67 -17.99
CA TYR B 194 -25.65 -5.14 -19.38
C TYR B 194 -24.33 -5.87 -19.68
N LYS B 195 -23.21 -5.29 -19.28
CA LYS B 195 -21.94 -5.91 -19.58
C LYS B 195 -21.75 -7.25 -18.88
N LEU B 196 -22.18 -7.30 -17.62
CA LEU B 196 -22.17 -8.53 -16.85
C LEU B 196 -22.85 -9.65 -17.61
N GLU B 197 -24.00 -9.36 -18.20
CA GLU B 197 -24.74 -10.40 -18.89
C GLU B 197 -24.01 -10.80 -20.17
N GLN B 198 -23.42 -9.83 -20.88
CA GLN B 198 -22.59 -10.16 -22.05
C GLN B 198 -21.47 -11.10 -21.61
N ALA B 199 -20.87 -10.84 -20.46
CA ALA B 199 -19.78 -11.66 -19.98
C ALA B 199 -20.29 -13.06 -19.58
N LEU B 200 -21.42 -13.09 -18.90
CA LEU B 200 -22.00 -14.37 -18.49
C LEU B 200 -22.31 -15.22 -19.71
N ASP B 201 -22.74 -14.58 -20.80
CA ASP B 201 -23.05 -15.32 -22.01
C ASP B 201 -21.84 -16.02 -22.58
N ALA B 202 -20.66 -15.44 -22.39
CA ALA B 202 -19.46 -15.97 -23.03
C ALA B 202 -18.79 -17.06 -22.21
N MET B 203 -19.36 -17.34 -21.05
CA MET B 203 -18.74 -18.28 -20.14
C MET B 203 -19.37 -19.67 -20.27
N LYS C 19 30.73 1.62 23.47
CA LYS C 19 30.51 0.18 23.56
C LYS C 19 30.32 -0.38 22.13
N HIS C 20 29.38 0.20 21.37
CA HIS C 20 29.17 -0.19 19.97
C HIS C 20 30.46 0.05 19.19
N ASP C 21 30.88 -0.91 18.36
CA ASP C 21 32.10 -0.69 17.56
C ASP C 21 31.70 0.00 16.26
N TYR C 22 31.18 1.21 16.40
CA TYR C 22 30.38 1.84 15.37
C TYR C 22 31.14 2.42 14.16
N THR C 23 32.46 2.52 14.25
CA THR C 23 33.27 3.05 13.14
C THR C 23 33.71 1.95 12.18
N ASN C 24 33.48 0.70 12.57
CA ASN C 24 33.90 -0.44 11.73
C ASN C 24 32.70 -1.12 11.11
N PRO C 25 32.76 -1.40 9.78
CA PRO C 25 33.87 -1.10 8.87
C PRO C 25 33.91 0.37 8.49
N PRO C 26 35.08 0.85 8.03
CA PRO C 26 35.14 2.26 7.64
C PRO C 26 34.17 2.58 6.50
N TRP C 27 33.55 3.74 6.55
CA TRP C 27 32.65 4.15 5.50
C TRP C 27 33.26 5.32 4.71
N ASN C 28 33.47 5.08 3.43
CA ASN C 28 34.05 6.08 2.52
C ASN C 28 32.99 6.99 1.92
N ALA C 29 33.05 8.26 2.27
CA ALA C 29 32.01 9.21 1.92
C ALA C 29 32.19 9.84 0.52
N LYS C 30 33.37 9.71 -0.07
CA LYS C 30 33.65 10.48 -1.27
C LYS C 30 32.58 10.30 -2.34
N VAL C 31 32.36 9.06 -2.78
CA VAL C 31 31.42 8.80 -3.87
C VAL C 31 29.96 9.06 -3.47
N PRO C 32 29.52 8.54 -2.32
CA PRO C 32 28.14 8.81 -1.92
C PRO C 32 27.86 10.31 -1.88
N VAL C 33 28.84 11.10 -1.41
CA VAL C 33 28.67 12.54 -1.31
C VAL C 33 28.70 13.21 -2.68
N GLN C 34 29.58 12.76 -3.56
CA GLN C 34 29.62 13.30 -4.91
C GLN C 34 28.26 13.15 -5.57
N ARG C 35 27.63 11.99 -5.37
CA ARG C 35 26.33 11.67 -5.95
C ARG C 35 25.22 12.48 -5.27
N ALA C 36 25.31 12.61 -3.95
CA ALA C 36 24.34 13.41 -3.22
C ALA C 36 24.39 14.86 -3.70
N MET C 37 25.58 15.35 -4.04
CA MET C 37 25.74 16.73 -4.48
C MET C 37 24.98 17.05 -5.77
N GLN C 38 24.67 16.02 -6.57
CA GLN C 38 23.92 16.20 -7.80
C GLN C 38 22.48 16.66 -7.51
N TRP C 39 22.04 16.49 -6.26
CA TRP C 39 20.69 16.86 -5.85
C TRP C 39 20.65 18.20 -5.13
N MET C 40 21.79 18.88 -5.06
CA MET C 40 21.93 20.08 -4.25
C MET C 40 20.90 21.17 -4.61
N PRO C 41 20.58 21.34 -5.90
CA PRO C 41 19.53 22.34 -6.17
C PRO C 41 18.20 22.08 -5.41
N ILE C 42 17.77 20.82 -5.38
CA ILE C 42 16.55 20.43 -4.67
C ILE C 42 16.77 20.56 -3.15
N SER C 43 17.96 20.22 -2.69
CA SER C 43 18.26 20.24 -1.26
C SER C 43 18.26 21.66 -0.68
N GLN C 44 18.80 22.59 -1.45
CA GLN C 44 18.84 23.98 -1.04
C GLN C 44 17.44 24.57 -0.99
N LYS C 45 16.63 24.26 -1.99
CA LYS C 45 15.26 24.74 -2.03
C LYS C 45 14.47 24.13 -0.84
N ALA C 46 14.55 22.81 -0.67
CA ALA C 46 13.88 22.14 0.42
C ALA C 46 14.40 22.62 1.78
N GLY C 47 15.71 22.81 1.88
CA GLY C 47 16.32 23.26 3.12
C GLY C 47 15.91 24.68 3.50
N ALA C 48 15.89 25.57 2.52
CA ALA C 48 15.47 26.94 2.75
C ALA C 48 13.99 26.99 3.17
N ALA C 49 13.17 26.17 2.52
CA ALA C 49 11.74 26.17 2.78
C ALA C 49 11.44 25.71 4.22
N TRP C 50 12.20 24.74 4.73
CA TRP C 50 11.90 24.14 6.03
C TRP C 50 12.92 24.50 7.13
N GLY C 51 13.84 25.41 6.83
CA GLY C 51 14.87 25.80 7.78
C GLY C 51 15.86 24.68 8.15
N VAL C 52 16.25 23.89 7.16
CA VAL C 52 17.21 22.83 7.42
C VAL C 52 18.46 23.08 6.59
N ASP C 53 19.59 22.83 7.22
CA ASP C 53 20.91 23.02 6.60
C ASP C 53 21.04 22.10 5.39
N PRO C 54 21.21 22.68 4.19
CA PRO C 54 21.36 21.88 2.97
C PRO C 54 22.56 20.94 3.04
N GLN C 55 23.59 21.27 3.81
CA GLN C 55 24.71 20.34 3.93
C GLN C 55 24.30 19.13 4.75
N LEU C 56 23.39 19.32 5.71
CA LEU C 56 22.90 18.21 6.49
C LEU C 56 22.04 17.30 5.60
N ILE C 57 21.21 17.90 4.77
CA ILE C 57 20.37 17.14 3.84
C ILE C 57 21.26 16.32 2.90
N THR C 58 22.30 16.95 2.38
CA THR C 58 23.20 16.31 1.42
C THR C 58 23.90 15.12 2.08
N ALA C 59 24.37 15.32 3.30
CA ALA C 59 25.04 14.26 4.05
C ALA C 59 24.09 13.08 4.24
N ILE C 60 22.85 13.40 4.56
CA ILE C 60 21.85 12.38 4.83
C ILE C 60 21.55 11.59 3.55
N ILE C 61 21.42 12.29 2.43
CA ILE C 61 21.21 11.59 1.17
C ILE C 61 22.36 10.60 0.94
N ALA C 62 23.59 11.08 1.11
CA ALA C 62 24.77 10.27 0.87
C ALA C 62 24.71 9.03 1.75
N ILE C 63 24.34 9.23 3.02
CA ILE C 63 24.32 8.15 3.98
C ILE C 63 23.17 7.17 3.72
N GLU C 64 22.01 7.72 3.39
CA GLU C 64 20.79 6.92 3.30
C GLU C 64 20.71 6.11 2.00
N SER C 65 21.03 6.75 0.88
CA SER C 65 20.82 6.15 -0.43
C SER C 65 22.04 6.15 -1.34
N GLY C 66 23.10 6.80 -0.92
CA GLY C 66 24.22 7.05 -1.83
C GLY C 66 23.80 7.88 -3.02
N GLY C 67 22.70 8.62 -2.90
CA GLY C 67 22.23 9.44 -4.01
C GLY C 67 21.33 8.70 -4.99
N ASN C 68 20.97 7.46 -4.67
CA ASN C 68 20.05 6.66 -5.49
C ASN C 68 18.57 6.87 -5.13
N PRO C 69 17.82 7.56 -6.00
CA PRO C 69 16.44 7.90 -5.65
C PRO C 69 15.48 6.70 -5.61
N ASN C 70 15.91 5.54 -6.11
CA ASN C 70 15.07 4.34 -6.07
C ASN C 70 15.44 3.37 -4.95
N ALA C 71 16.35 3.79 -4.07
CA ALA C 71 16.80 2.92 -2.99
C ALA C 71 15.66 2.45 -2.09
N VAL C 72 15.70 1.18 -1.71
CA VAL C 72 14.71 0.60 -0.82
C VAL C 72 15.43 -0.30 0.17
N SER C 73 15.23 -0.04 1.47
CA SER C 73 15.88 -0.85 2.48
C SER C 73 15.05 -2.10 2.76
N LYS C 74 15.65 -3.03 3.52
CA LYS C 74 15.02 -4.28 3.91
C LYS C 74 13.85 -3.95 4.85
N SER C 75 13.90 -2.76 5.42
CA SER C 75 12.89 -2.31 6.37
C SER C 75 11.86 -1.40 5.67
N ASN C 76 11.93 -1.37 4.34
CA ASN C 76 11.01 -0.56 3.55
C ASN C 76 11.15 0.96 3.68
N ALA C 77 12.34 1.44 4.01
CA ALA C 77 12.62 2.88 3.91
C ALA C 77 12.87 3.18 2.43
N ILE C 78 12.39 4.33 1.97
CA ILE C 78 12.34 4.59 0.54
C ILE C 78 13.06 5.85 0.10
N GLY C 79 13.75 5.76 -1.02
CA GLY C 79 14.22 6.93 -1.74
C GLY C 79 15.46 7.59 -1.19
N LEU C 80 15.72 8.80 -1.70
CA LEU C 80 16.99 9.46 -1.49
C LEU C 80 17.32 9.60 -0.01
N MET C 81 16.33 9.96 0.79
CA MET C 81 16.52 10.17 2.22
C MET C 81 15.91 9.07 3.08
N GLN C 82 15.52 7.99 2.42
CA GLN C 82 15.10 6.77 3.13
C GLN C 82 13.97 7.00 4.14
N LEU C 83 12.84 7.48 3.66
CA LEU C 83 11.67 7.65 4.52
C LEU C 83 10.82 6.39 4.55
N LYS C 84 10.36 6.03 5.75
CA LYS C 84 9.28 5.08 5.87
C LYS C 84 7.94 5.83 5.79
N ALA C 85 7.10 5.38 4.87
CA ALA C 85 5.77 5.95 4.71
C ALA C 85 5.02 5.97 6.03
N SER C 86 5.15 4.89 6.81
CA SER C 86 4.35 4.69 8.02
C SER C 86 4.79 5.56 9.20
N THR C 87 5.99 6.13 9.15
CA THR C 87 6.43 6.97 10.24
C THR C 87 6.60 8.42 9.78
N SER C 88 7.72 8.74 9.16
CA SER C 88 7.96 10.13 8.76
C SER C 88 6.94 10.53 7.70
N GLY C 89 6.63 9.61 6.80
CA GLY C 89 5.68 9.90 5.75
C GLY C 89 4.35 10.36 6.33
N ARG C 90 3.85 9.62 7.31
CA ARG C 90 2.58 9.94 7.94
C ARG C 90 2.66 11.24 8.73
N ASP C 91 3.76 11.43 9.46
CA ASP C 91 3.94 12.63 10.25
C ASP C 91 3.99 13.89 9.37
N VAL C 92 4.68 13.79 8.24
CA VAL C 92 4.82 14.93 7.33
C VAL C 92 3.47 15.27 6.72
N TYR C 93 2.74 14.23 6.30
CA TYR C 93 1.39 14.41 5.77
C TYR C 93 0.50 15.12 6.79
N ARG C 94 0.58 14.66 8.05
CA ARG C 94 -0.18 15.27 9.13
C ARG C 94 0.15 16.75 9.23
N ARG C 95 1.44 17.06 9.15
CA ARG C 95 1.92 18.43 9.25
C ARG C 95 1.39 19.30 8.11
N MET C 96 1.12 18.70 6.96
CA MET C 96 0.52 19.39 5.81
C MET C 96 -0.98 19.54 5.92
N GLY C 97 -1.59 18.74 6.79
CA GLY C 97 -3.04 18.70 6.89
C GLY C 97 -3.67 17.68 5.95
N TRP C 98 -2.89 16.68 5.56
CA TRP C 98 -3.35 15.59 4.70
C TRP C 98 -3.60 14.32 5.51
N SER C 99 -4.51 13.48 5.03
CA SER C 99 -4.72 12.17 5.63
C SER C 99 -3.79 11.13 5.03
N GLY C 100 -3.65 10.00 5.70
CA GLY C 100 -2.87 8.90 5.15
C GLY C 100 -1.38 9.14 5.11
N GLU C 101 -0.75 8.53 4.12
CA GLU C 101 0.69 8.55 4.01
C GLU C 101 1.06 8.47 2.53
N PRO C 102 2.29 8.90 2.19
CA PRO C 102 2.72 8.85 0.79
C PRO C 102 2.89 7.41 0.35
N THR C 103 2.75 7.16 -0.94
CA THR C 103 3.01 5.83 -1.48
C THR C 103 4.50 5.70 -1.83
N THR C 104 4.94 4.46 -2.05
CA THR C 104 6.33 4.19 -2.43
C THR C 104 6.71 4.98 -3.68
N SER C 105 5.81 5.00 -4.65
CA SER C 105 6.00 5.72 -5.90
C SER C 105 6.33 7.20 -5.65
N GLU C 106 5.58 7.83 -4.75
CA GLU C 106 5.79 9.24 -4.43
C GLU C 106 7.12 9.43 -3.71
N LEU C 107 7.50 8.47 -2.88
CA LEU C 107 8.78 8.57 -2.17
C LEU C 107 9.98 8.35 -3.09
N LYS C 108 9.76 7.73 -4.25
CA LYS C 108 10.85 7.53 -5.21
C LYS C 108 11.07 8.76 -6.08
N ASN C 109 10.11 9.69 -6.05
CA ASN C 109 10.32 10.99 -6.69
C ASN C 109 11.31 11.83 -5.89
N PRO C 110 12.40 12.26 -6.52
CA PRO C 110 13.49 12.95 -5.81
C PRO C 110 13.03 14.21 -5.07
N GLU C 111 12.26 15.07 -5.73
CA GLU C 111 11.83 16.31 -5.12
C GLU C 111 10.92 16.02 -3.93
N ARG C 112 9.97 15.12 -4.13
CA ARG C 112 9.03 14.81 -3.06
C ARG C 112 9.81 14.24 -1.89
N ASN C 113 10.77 13.37 -2.19
CA ASN C 113 11.54 12.71 -1.14
C ASN C 113 12.38 13.68 -0.30
N ILE C 114 13.18 14.50 -0.95
CA ILE C 114 14.05 15.43 -0.24
C ILE C 114 13.21 16.45 0.54
N SER C 115 12.15 16.93 -0.08
CA SER C 115 11.25 17.87 0.57
C SER C 115 10.54 17.28 1.81
N MET C 116 10.16 16.02 1.75
CA MET C 116 9.56 15.39 2.92
C MET C 116 10.62 15.16 4.00
N GLY C 117 11.81 14.74 3.59
CA GLY C 117 12.90 14.56 4.52
C GLY C 117 13.21 15.85 5.27
N ALA C 118 13.24 16.96 4.54
CA ALA C 118 13.52 18.25 5.14
C ALA C 118 12.41 18.59 6.12
N ALA C 119 11.17 18.37 5.70
CA ALA C 119 10.03 18.64 6.58
C ALA C 119 10.14 17.81 7.86
N TYR C 120 10.50 16.54 7.70
CA TYR C 120 10.56 15.66 8.86
C TYR C 120 11.65 16.13 9.85
N LEU C 121 12.78 16.59 9.32
CA LEU C 121 13.84 17.12 10.16
C LEU C 121 13.33 18.36 10.91
N ASN C 122 12.57 19.20 10.21
CA ASN C 122 11.93 20.37 10.84
C ASN C 122 10.97 19.92 11.93
N ILE C 123 10.18 18.89 11.65
CA ILE C 123 9.25 18.36 12.63
C ILE C 123 10.00 17.83 13.86
N LEU C 124 11.09 17.13 13.65
CA LEU C 124 11.89 16.63 14.77
C LEU C 124 12.44 17.76 15.63
N GLU C 125 13.01 18.78 14.99
CA GLU C 125 13.67 19.87 15.70
C GLU C 125 12.70 20.71 16.53
N THR C 126 11.55 21.02 15.94
CA THR C 126 10.58 21.87 16.57
C THR C 126 9.63 21.13 17.51
N GLY C 127 9.59 19.80 17.41
CA GLY C 127 8.74 19.00 18.27
C GLY C 127 9.51 18.31 19.39
N PRO C 128 9.80 17.01 19.23
CA PRO C 128 10.42 16.22 20.31
C PRO C 128 11.83 16.70 20.72
N LEU C 129 12.59 17.31 19.82
CA LEU C 129 13.95 17.73 20.16
C LEU C 129 14.00 19.21 20.55
N ALA C 130 12.84 19.83 20.68
CA ALA C 130 12.77 21.23 21.06
C ALA C 130 13.42 21.39 22.43
N GLY C 131 14.18 22.47 22.59
CA GLY C 131 14.82 22.76 23.85
C GLY C 131 16.30 22.41 23.87
N ILE C 132 16.77 21.63 22.89
CA ILE C 132 18.20 21.33 22.82
C ILE C 132 18.94 22.63 22.44
N GLU C 133 19.90 23.01 23.26
CA GLU C 133 20.53 24.34 23.13
C GLU C 133 21.71 24.42 22.15
N ASP C 134 22.62 23.46 22.22
CA ASP C 134 23.85 23.47 21.44
C ASP C 134 23.58 22.98 20.01
N PRO C 135 23.88 23.81 19.00
CA PRO C 135 23.52 23.42 17.63
C PRO C 135 24.21 22.14 17.13
N LYS C 136 25.41 21.84 17.61
CA LYS C 136 26.10 20.63 17.18
C LYS C 136 25.49 19.39 17.83
N VAL C 137 25.14 19.49 19.10
CA VAL C 137 24.43 18.42 19.79
C VAL C 137 23.08 18.21 19.09
N LEU C 138 22.42 19.30 18.71
CA LEU C 138 21.14 19.20 18.01
C LEU C 138 21.34 18.44 16.71
N GLN C 139 22.41 18.76 16.00
CA GLN C 139 22.69 18.06 14.74
C GLN C 139 22.82 16.54 14.95
N TYR C 140 23.56 16.15 16.00
CA TYR C 140 23.70 14.74 16.35
C TYR C 140 22.37 14.12 16.78
N ALA C 141 21.62 14.83 17.60
CA ALA C 141 20.31 14.34 18.05
C ALA C 141 19.36 14.20 16.87
N LEU C 142 19.45 15.12 15.92
CA LEU C 142 18.58 15.08 14.75
C LEU C 142 18.82 13.84 13.94
N VAL C 143 20.07 13.54 13.60
CA VAL C 143 20.33 12.38 12.76
C VAL C 143 20.02 11.08 13.50
N VAL C 144 20.29 11.04 14.80
CA VAL C 144 20.00 9.81 15.53
C VAL C 144 18.50 9.59 15.64
N SER C 145 17.74 10.68 15.76
CA SER C 145 16.29 10.58 15.84
C SER C 145 15.73 10.21 14.47
N TYR C 146 16.32 10.78 13.44
CA TYR C 146 15.93 10.51 12.06
C TYR C 146 16.12 9.04 11.73
N ALA C 147 17.23 8.47 12.19
CA ALA C 147 17.57 7.08 11.90
C ALA C 147 16.83 6.06 12.76
N ASN C 148 16.67 6.35 14.06
CA ASN C 148 16.15 5.33 14.99
C ASN C 148 15.01 5.78 15.91
N GLY C 149 14.51 6.99 15.66
CA GLY C 149 13.34 7.47 16.36
C GLY C 149 13.68 8.41 17.51
N ALA C 150 12.96 9.50 17.58
CA ALA C 150 13.17 10.49 18.62
C ALA C 150 12.93 9.85 19.98
N GLY C 151 11.85 9.08 20.08
CA GLY C 151 11.46 8.45 21.33
C GLY C 151 12.53 7.49 21.83
N ALA C 152 13.03 6.64 20.94
CA ALA C 152 14.06 5.69 21.32
C ALA C 152 15.29 6.45 21.84
N LEU C 153 15.64 7.56 21.20
CA LEU C 153 16.77 8.36 21.65
C LEU C 153 16.48 8.94 23.03
N LEU C 154 15.35 9.62 23.16
CA LEU C 154 15.04 10.33 24.39
C LEU C 154 14.99 9.38 25.59
N ARG C 155 14.43 8.18 25.40
CA ARG C 155 14.32 7.25 26.52
C ARG C 155 15.67 6.73 27.01
N THR C 156 16.74 6.91 26.25
CA THR C 156 18.06 6.51 26.73
C THR C 156 18.56 7.53 27.76
N PHE C 157 17.93 8.69 27.80
CA PHE C 157 18.25 9.70 28.81
C PHE C 157 17.23 9.67 29.93
N SER C 158 15.95 9.60 29.60
CA SER C 158 14.94 9.58 30.64
C SER C 158 13.60 9.14 30.08
N SER C 159 12.75 8.59 30.93
CA SER C 159 11.38 8.29 30.53
C SER C 159 10.55 9.58 30.42
N ASP C 160 11.06 10.65 31.02
CA ASP C 160 10.45 11.97 30.97
C ASP C 160 11.14 12.77 29.88
N ARG C 161 10.38 13.12 28.85
CA ARG C 161 10.92 13.76 27.68
C ARG C 161 11.58 15.11 28.06
N LYS C 162 10.95 15.86 28.96
CA LYS C 162 11.52 17.13 29.40
C LYS C 162 12.86 16.95 30.09
N LYS C 163 12.95 15.91 30.92
CA LYS C 163 14.16 15.64 31.66
C LYS C 163 15.24 15.16 30.69
N ALA C 164 14.83 14.39 29.68
CA ALA C 164 15.77 13.93 28.66
C ALA C 164 16.44 15.12 27.97
N ILE C 165 15.64 16.08 27.54
CA ILE C 165 16.17 17.29 26.93
C ILE C 165 17.16 17.97 27.89
N SER C 166 16.81 18.06 29.16
CA SER C 166 17.72 18.66 30.14
C SER C 166 19.02 17.89 30.26
N LYS C 167 18.95 16.57 30.22
CA LYS C 167 20.18 15.81 30.31
C LYS C 167 21.01 15.98 29.04
N ILE C 168 20.37 15.99 27.89
CA ILE C 168 21.11 16.21 26.67
C ILE C 168 21.85 17.53 26.76
N ASN C 169 21.18 18.55 27.30
CA ASN C 169 21.76 19.88 27.40
C ASN C 169 22.94 19.96 28.35
N ASP C 170 23.16 18.94 29.18
CA ASP C 170 24.36 18.92 30.03
C ASP C 170 25.61 18.42 29.28
N LEU C 171 25.43 17.91 28.06
CA LEU C 171 26.53 17.28 27.32
C LEU C 171 26.99 18.11 26.12
N ASP C 172 28.28 18.03 25.78
CA ASP C 172 28.72 18.57 24.50
C ASP C 172 28.54 17.47 23.44
N ALA C 173 28.82 17.79 22.19
CA ALA C 173 28.50 16.85 21.10
C ALA C 173 29.24 15.51 21.22
N ASP C 174 30.48 15.55 21.68
CA ASP C 174 31.28 14.34 21.81
C ASP C 174 30.74 13.47 22.94
N GLU C 175 30.30 14.13 24.02
CA GLU C 175 29.71 13.42 25.15
C GLU C 175 28.34 12.81 24.75
N PHE C 176 27.60 13.51 23.92
CA PHE C 176 26.34 13.01 23.39
C PHE C 176 26.56 11.75 22.56
N LEU C 177 27.54 11.79 21.66
CA LEU C 177 27.91 10.61 20.87
C LEU C 177 28.30 9.42 21.76
N GLU C 178 29.12 9.69 22.77
CA GLU C 178 29.57 8.64 23.69
C GLU C 178 28.37 8.05 24.42
N HIS C 179 27.44 8.91 24.85
CA HIS C 179 26.25 8.39 25.51
C HIS C 179 25.47 7.47 24.58
N VAL C 180 25.29 7.90 23.34
CA VAL C 180 24.54 7.10 22.36
C VAL C 180 25.25 5.78 22.05
N ALA C 181 26.58 5.83 21.92
CA ALA C 181 27.37 4.62 21.67
C ALA C 181 27.27 3.64 22.82
N ARG C 182 27.16 4.14 24.04
CA ARG C 182 27.07 3.25 25.20
C ARG C 182 25.66 2.76 25.49
N ASN C 183 24.65 3.59 25.23
CA ASN C 183 23.33 3.31 25.79
C ASN C 183 22.22 3.11 24.78
N HIS C 184 22.45 3.51 23.54
CA HIS C 184 21.42 3.34 22.54
C HIS C 184 21.42 1.87 22.12
N PRO C 185 20.24 1.25 22.09
CA PRO C 185 20.10 -0.17 21.73
C PRO C 185 20.37 -0.51 20.25
N ALA C 186 20.14 0.43 19.35
CA ALA C 186 20.48 0.29 17.94
C ALA C 186 21.93 0.61 17.59
N PRO C 187 22.69 -0.38 17.09
CA PRO C 187 24.05 -0.11 16.63
C PRO C 187 24.09 0.91 15.48
N GLN C 188 23.01 0.99 14.72
CA GLN C 188 22.94 1.94 13.62
C GLN C 188 23.06 3.40 14.15
N ALA C 189 22.66 3.64 15.40
CA ALA C 189 22.52 5.02 15.88
C ALA C 189 23.87 5.76 16.04
N PRO C 190 24.81 5.20 16.80
CA PRO C 190 26.08 5.91 16.86
C PRO C 190 26.82 5.87 15.52
N ARG C 191 26.61 4.80 14.75
CA ARG C 191 27.28 4.65 13.47
C ARG C 191 26.86 5.79 12.54
N TYR C 192 25.62 6.25 12.71
CA TYR C 192 25.10 7.31 11.86
C TYR C 192 25.89 8.60 12.06
N ILE C 193 26.29 8.90 13.29
CA ILE C 193 27.03 10.11 13.56
C ILE C 193 28.42 10.01 12.94
N TYR C 194 29.05 8.86 13.09
CA TYR C 194 30.33 8.61 12.48
C TYR C 194 30.24 8.87 10.97
N LYS C 195 29.20 8.32 10.32
CA LYS C 195 29.01 8.52 8.87
C LYS C 195 28.72 9.98 8.58
N LEU C 196 27.93 10.60 9.44
CA LEU C 196 27.67 12.01 9.27
C LEU C 196 28.99 12.76 9.19
N GLU C 197 29.93 12.45 10.08
CA GLU C 197 31.17 13.20 10.15
C GLU C 197 32.05 12.90 8.95
N GLN C 198 32.07 11.65 8.52
CA GLN C 198 32.77 11.33 7.27
C GLN C 198 32.20 12.16 6.13
N ALA C 199 30.87 12.30 6.10
CA ALA C 199 30.24 12.99 4.97
C ALA C 199 30.58 14.48 5.01
N LEU C 200 30.55 15.06 6.20
CA LEU C 200 30.87 16.48 6.39
C LEU C 200 32.30 16.79 5.98
N ASP C 201 33.21 15.85 6.25
CA ASP C 201 34.61 16.02 5.87
C ASP C 201 34.77 16.11 4.36
N ALA C 202 33.87 15.46 3.63
CA ALA C 202 34.02 15.37 2.17
C ALA C 202 33.36 16.54 1.45
N MET C 203 32.80 17.47 2.21
CA MET C 203 32.06 18.57 1.62
C MET C 203 32.86 19.86 1.58
N TYR D 22 -20.64 48.48 -1.13
CA TYR D 22 -20.06 47.14 -1.08
C TYR D 22 -20.94 46.18 -0.29
N THR D 23 -21.92 46.74 0.41
CA THR D 23 -22.82 45.95 1.24
C THR D 23 -24.01 45.43 0.43
N ASN D 24 -24.23 46.03 -0.72
CA ASN D 24 -25.28 45.59 -1.62
C ASN D 24 -24.66 45.03 -2.89
N PRO D 25 -25.25 43.98 -3.45
CA PRO D 25 -26.48 43.38 -2.91
C PRO D 25 -26.23 42.52 -1.68
N PRO D 26 -27.25 42.39 -0.82
CA PRO D 26 -27.06 41.61 0.41
C PRO D 26 -26.61 40.20 0.10
N TRP D 27 -25.73 39.67 0.92
CA TRP D 27 -25.29 38.29 0.77
C TRP D 27 -25.81 37.49 1.96
N ASN D 28 -26.62 36.49 1.66
CA ASN D 28 -27.20 35.63 2.68
C ASN D 28 -26.26 34.46 2.92
N ALA D 29 -25.69 34.39 4.12
CA ALA D 29 -24.63 33.43 4.43
C ALA D 29 -25.18 32.06 4.79
N LYS D 30 -26.48 31.98 5.04
CA LYS D 30 -27.11 30.76 5.54
C LYS D 30 -26.72 29.55 4.71
N VAL D 31 -27.09 29.53 3.44
CA VAL D 31 -26.84 28.33 2.66
C VAL D 31 -25.34 28.08 2.47
N PRO D 32 -24.58 29.09 2.02
CA PRO D 32 -23.14 28.87 1.83
C PRO D 32 -22.42 28.36 3.08
N VAL D 33 -22.76 28.89 4.25
CA VAL D 33 -22.06 28.49 5.44
C VAL D 33 -22.40 27.06 5.84
N GLN D 34 -23.68 26.72 5.83
CA GLN D 34 -24.07 25.37 6.21
C GLN D 34 -23.39 24.36 5.30
N ARG D 35 -23.29 24.68 4.02
CA ARG D 35 -22.63 23.80 3.06
C ARG D 35 -21.13 23.78 3.38
N ALA D 36 -20.58 24.94 3.69
CA ALA D 36 -19.16 25.06 4.05
C ALA D 36 -18.84 24.23 5.30
N MET D 37 -19.79 24.21 6.24
CA MET D 37 -19.65 23.44 7.46
C MET D 37 -19.57 21.93 7.21
N GLN D 38 -20.09 21.44 6.09
CA GLN D 38 -20.00 20.00 5.86
C GLN D 38 -18.55 19.58 5.60
N TRP D 39 -17.68 20.56 5.35
CA TRP D 39 -16.26 20.29 5.14
C TRP D 39 -15.44 20.47 6.43
N MET D 40 -16.13 20.75 7.55
CA MET D 40 -15.44 21.10 8.79
C MET D 40 -14.43 20.06 9.26
N PRO D 41 -14.73 18.77 9.09
CA PRO D 41 -13.69 17.82 9.53
C PRO D 41 -12.34 18.11 8.85
N ILE D 42 -12.36 18.42 7.56
CA ILE D 42 -11.13 18.74 6.85
C ILE D 42 -10.59 20.10 7.29
N SER D 43 -11.49 21.06 7.50
CA SER D 43 -11.07 22.42 7.83
C SER D 43 -10.38 22.44 9.19
N GLN D 44 -10.87 21.63 10.13
CA GLN D 44 -10.28 21.53 11.47
C GLN D 44 -8.87 20.96 11.44
N LYS D 45 -8.70 19.89 10.67
CA LYS D 45 -7.40 19.26 10.50
C LYS D 45 -6.41 20.20 9.76
N ALA D 46 -6.85 20.80 8.67
CA ALA D 46 -6.00 21.75 7.95
C ALA D 46 -5.64 22.93 8.86
N GLY D 47 -6.61 23.38 9.63
CA GLY D 47 -6.40 24.52 10.51
C GLY D 47 -5.41 24.25 11.64
N ALA D 48 -5.55 23.12 12.33
CA ALA D 48 -4.63 22.79 13.42
C ALA D 48 -3.21 22.61 12.88
N ALA D 49 -3.11 22.01 11.70
CA ALA D 49 -1.79 21.79 11.12
C ALA D 49 -1.06 23.09 10.74
N TRP D 50 -1.80 24.12 10.30
CA TRP D 50 -1.14 25.34 9.83
C TRP D 50 -1.31 26.55 10.75
N GLY D 51 -1.86 26.34 11.95
CA GLY D 51 -2.12 27.40 12.89
C GLY D 51 -3.15 28.40 12.37
N VAL D 52 -4.17 27.91 11.69
CA VAL D 52 -5.22 28.79 11.15
C VAL D 52 -6.56 28.41 11.75
N ASP D 53 -7.36 29.41 12.04
CA ASP D 53 -8.68 29.24 12.65
C ASP D 53 -9.65 28.51 11.71
N PRO D 54 -10.16 27.35 12.14
CA PRO D 54 -11.10 26.58 11.31
C PRO D 54 -12.34 27.39 10.94
N GLN D 55 -12.71 28.36 11.76
CA GLN D 55 -13.90 29.17 11.47
C GLN D 55 -13.64 30.11 10.32
N LEU D 56 -12.42 30.62 10.24
CA LEU D 56 -12.00 31.48 9.14
C LEU D 56 -11.94 30.66 7.85
N ILE D 57 -11.45 29.44 7.96
CA ILE D 57 -11.37 28.56 6.81
C ILE D 57 -12.80 28.32 6.31
N THR D 58 -13.72 28.05 7.24
CA THR D 58 -15.11 27.76 6.87
C THR D 58 -15.77 28.98 6.20
N ALA D 59 -15.54 30.16 6.76
CA ALA D 59 -16.10 31.37 6.20
C ALA D 59 -15.63 31.54 4.75
N ILE D 60 -14.35 31.28 4.53
CA ILE D 60 -13.76 31.47 3.23
C ILE D 60 -14.33 30.47 2.21
N ILE D 61 -14.49 29.21 2.61
CA ILE D 61 -15.07 28.23 1.71
C ILE D 61 -16.47 28.74 1.30
N ALA D 62 -17.22 29.19 2.29
CA ALA D 62 -18.57 29.68 2.10
C ALA D 62 -18.61 30.82 1.09
N ILE D 63 -17.71 31.78 1.26
CA ILE D 63 -17.67 32.96 0.40
C ILE D 63 -17.13 32.61 -0.99
N GLU D 64 -16.15 31.73 -1.04
CA GLU D 64 -15.46 31.46 -2.28
C GLU D 64 -16.24 30.53 -3.22
N SER D 65 -16.79 29.45 -2.65
CA SER D 65 -17.38 28.36 -3.44
C SER D 65 -18.78 27.93 -3.02
N GLY D 66 -19.29 28.47 -1.91
CA GLY D 66 -20.52 27.95 -1.35
C GLY D 66 -20.45 26.46 -0.99
N GLY D 67 -19.24 25.95 -0.77
CA GLY D 67 -19.07 24.54 -0.43
C GLY D 67 -18.97 23.61 -1.64
N ASN D 68 -18.99 24.18 -2.84
CA ASN D 68 -18.88 23.37 -4.07
C ASN D 68 -17.42 23.13 -4.44
N PRO D 69 -16.96 21.88 -4.31
CA PRO D 69 -15.54 21.54 -4.50
C PRO D 69 -15.09 21.62 -5.95
N ASN D 70 -16.05 21.68 -6.87
CA ASN D 70 -15.76 21.79 -8.30
C ASN D 70 -15.92 23.20 -8.88
N ALA D 71 -16.07 24.18 -7.98
CA ALA D 71 -16.21 25.59 -8.36
C ALA D 71 -15.01 26.05 -9.19
N VAL D 72 -15.30 26.84 -10.21
CA VAL D 72 -14.27 27.41 -11.05
C VAL D 72 -14.69 28.84 -11.37
N SER D 73 -13.85 29.83 -11.07
CA SER D 73 -14.19 31.21 -11.40
C SER D 73 -13.74 31.52 -12.83
N LYS D 74 -14.15 32.69 -13.32
CA LYS D 74 -13.77 33.19 -14.64
C LYS D 74 -12.29 33.62 -14.68
N SER D 75 -11.64 33.66 -13.54
CA SER D 75 -10.20 33.90 -13.49
C SER D 75 -9.46 32.59 -13.15
N ASN D 76 -10.19 31.49 -13.22
CA ASN D 76 -9.63 30.15 -13.01
C ASN D 76 -9.12 29.89 -11.60
N ALA D 77 -9.76 30.51 -10.61
CA ALA D 77 -9.55 30.13 -9.22
C ALA D 77 -10.34 28.83 -9.06
N ILE D 78 -9.81 27.90 -8.27
CA ILE D 78 -10.34 26.55 -8.30
C ILE D 78 -10.78 26.04 -6.94
N GLY D 79 -11.94 25.38 -6.92
CA GLY D 79 -12.30 24.56 -5.80
C GLY D 79 -12.83 25.32 -4.61
N LEU D 80 -12.86 24.63 -3.48
CA LEU D 80 -13.58 25.08 -2.29
C LEU D 80 -13.13 26.45 -1.80
N MET D 81 -11.83 26.67 -1.77
CA MET D 81 -11.29 27.93 -1.29
C MET D 81 -10.76 28.79 -2.43
N GLN D 82 -11.07 28.39 -3.66
CA GLN D 82 -10.83 29.19 -4.86
C GLN D 82 -9.37 29.65 -5.01
N LEU D 83 -8.47 28.68 -5.13
CA LEU D 83 -7.07 28.96 -5.29
C LEU D 83 -6.69 29.13 -6.78
N LYS D 84 -5.88 30.14 -7.09
CA LYS D 84 -5.23 30.21 -8.39
C LYS D 84 -3.90 29.49 -8.30
N ALA D 85 -3.75 28.50 -9.17
CA ALA D 85 -2.52 27.72 -9.25
C ALA D 85 -1.33 28.66 -9.45
N SER D 86 -1.54 29.74 -10.20
CA SER D 86 -0.44 30.63 -10.59
C SER D 86 0.08 31.49 -9.42
N THR D 87 -0.72 31.65 -8.37
CA THR D 87 -0.32 32.52 -7.27
C THR D 87 -0.18 31.72 -5.98
N SER D 88 -1.28 31.47 -5.28
CA SER D 88 -1.23 30.75 -4.01
C SER D 88 -0.69 29.34 -4.25
N GLY D 89 -1.07 28.74 -5.38
CA GLY D 89 -0.61 27.40 -5.67
C GLY D 89 0.91 27.38 -5.68
N ARG D 90 1.50 28.27 -6.46
CA ARG D 90 2.94 28.30 -6.58
C ARG D 90 3.60 28.66 -5.24
N ASP D 91 3.03 29.59 -4.48
CA ASP D 91 3.61 29.97 -3.21
C ASP D 91 3.53 28.83 -2.19
N VAL D 92 2.42 28.10 -2.16
CA VAL D 92 2.32 27.00 -1.22
C VAL D 92 3.32 25.92 -1.62
N TYR D 93 3.42 25.65 -2.92
CA TYR D 93 4.41 24.68 -3.39
C TYR D 93 5.82 25.12 -2.95
N ARG D 94 6.17 26.39 -3.19
CA ARG D 94 7.47 26.89 -2.74
C ARG D 94 7.66 26.66 -1.23
N ARG D 95 6.62 26.93 -0.45
CA ARG D 95 6.69 26.74 1.00
C ARG D 95 6.93 25.26 1.38
N MET D 96 6.51 24.32 0.54
CA MET D 96 6.77 22.90 0.80
C MET D 96 8.16 22.48 0.32
N GLY D 97 8.80 23.33 -0.47
CA GLY D 97 10.08 22.96 -1.06
C GLY D 97 9.87 22.30 -2.40
N TRP D 98 8.71 22.54 -3.02
CA TRP D 98 8.43 22.02 -4.33
C TRP D 98 8.50 23.12 -5.37
N SER D 99 8.87 22.73 -6.59
CA SER D 99 8.83 23.62 -7.73
C SER D 99 7.47 23.50 -8.42
N GLY D 100 7.22 24.45 -9.32
CA GLY D 100 6.01 24.43 -10.13
C GLY D 100 4.76 24.77 -9.33
N GLU D 101 3.64 24.23 -9.78
CA GLU D 101 2.36 24.53 -9.18
C GLU D 101 1.39 23.36 -9.33
N PRO D 102 0.36 23.31 -8.48
CA PRO D 102 -0.64 22.25 -8.64
C PRO D 102 -1.41 22.46 -9.96
N THR D 103 -1.95 21.38 -10.51
CA THR D 103 -2.81 21.46 -11.70
C THR D 103 -4.24 21.77 -11.26
N THR D 104 -5.06 22.19 -12.22
CA THR D 104 -6.47 22.48 -11.96
C THR D 104 -7.13 21.28 -11.29
N SER D 105 -6.88 20.10 -11.86
CA SER D 105 -7.45 18.87 -11.36
C SER D 105 -7.06 18.67 -9.89
N GLU D 106 -5.78 18.87 -9.57
CA GLU D 106 -5.32 18.68 -8.18
C GLU D 106 -6.01 19.67 -7.22
N LEU D 107 -6.29 20.88 -7.67
CA LEU D 107 -6.96 21.86 -6.81
C LEU D 107 -8.44 21.54 -6.53
N LYS D 108 -9.03 20.64 -7.31
CA LYS D 108 -10.44 20.28 -7.10
C LYS D 108 -10.64 19.24 -6.01
N ASN D 109 -9.55 18.57 -5.63
CA ASN D 109 -9.59 17.67 -4.49
C ASN D 109 -9.79 18.45 -3.19
N PRO D 110 -10.89 18.18 -2.46
CA PRO D 110 -11.22 18.96 -1.25
C PRO D 110 -10.11 19.00 -0.18
N GLU D 111 -9.50 17.87 0.16
CA GLU D 111 -8.48 17.86 1.20
C GLU D 111 -7.28 18.68 0.77
N ARG D 112 -6.82 18.48 -0.45
CA ARG D 112 -5.69 19.23 -0.93
C ARG D 112 -6.05 20.71 -1.00
N ASN D 113 -7.25 20.99 -1.46
CA ASN D 113 -7.66 22.36 -1.64
C ASN D 113 -7.69 23.12 -0.32
N ILE D 114 -8.40 22.59 0.66
CA ILE D 114 -8.51 23.26 1.95
C ILE D 114 -7.15 23.33 2.66
N SER D 115 -6.38 22.24 2.61
CA SER D 115 -5.07 22.26 3.24
C SER D 115 -4.15 23.32 2.62
N MET D 116 -4.23 23.51 1.30
CA MET D 116 -3.44 24.56 0.66
C MET D 116 -3.94 25.94 1.00
N GLY D 117 -5.25 26.10 1.03
CA GLY D 117 -5.84 27.37 1.42
C GLY D 117 -5.33 27.72 2.81
N ALA D 118 -5.29 26.74 3.71
CA ALA D 118 -4.83 26.97 5.07
C ALA D 118 -3.36 27.33 5.07
N ALA D 119 -2.56 26.58 4.33
CA ALA D 119 -1.13 26.90 4.26
C ALA D 119 -0.99 28.32 3.74
N TYR D 120 -1.73 28.65 2.69
CA TYR D 120 -1.61 29.98 2.10
C TYR D 120 -1.97 31.04 3.14
N LEU D 121 -2.99 30.80 3.94
CA LEU D 121 -3.33 31.75 5.00
C LEU D 121 -2.16 31.88 5.97
N ASN D 122 -1.53 30.76 6.31
CA ASN D 122 -0.35 30.80 7.18
C ASN D 122 0.80 31.60 6.56
N ILE D 123 1.06 31.42 5.28
CA ILE D 123 2.12 32.15 4.59
C ILE D 123 1.86 33.67 4.64
N LEU D 124 0.62 34.07 4.41
CA LEU D 124 0.23 35.48 4.46
C LEU D 124 0.48 36.07 5.85
N GLU D 125 0.05 35.36 6.89
CA GLU D 125 0.17 35.87 8.26
C GLU D 125 1.62 36.00 8.72
N THR D 126 2.45 35.02 8.39
CA THR D 126 3.81 35.01 8.88
C THR D 126 4.77 35.80 7.99
N GLY D 127 4.36 36.07 6.76
CA GLY D 127 5.19 36.82 5.83
C GLY D 127 4.76 38.27 5.67
N PRO D 128 4.06 38.59 4.57
CA PRO D 128 3.77 39.98 4.23
C PRO D 128 2.96 40.71 5.30
N LEU D 129 2.11 40.00 6.03
CA LEU D 129 1.26 40.60 7.06
C LEU D 129 1.81 40.47 8.50
N ALA D 130 3.05 40.04 8.65
CA ALA D 130 3.62 39.84 9.98
C ALA D 130 3.70 41.15 10.76
N GLY D 131 3.37 41.10 12.04
CA GLY D 131 3.50 42.27 12.90
C GLY D 131 2.19 42.95 13.25
N ILE D 132 1.11 42.49 12.64
CA ILE D 132 -0.20 43.04 12.96
C ILE D 132 -0.61 42.57 14.36
N GLU D 133 -0.93 43.55 15.21
CA GLU D 133 -1.09 43.32 16.64
C GLU D 133 -2.49 42.89 17.03
N ASP D 134 -3.49 43.58 16.50
CA ASP D 134 -4.89 43.28 16.84
C ASP D 134 -5.37 42.09 15.99
N PRO D 135 -5.79 40.99 16.64
CA PRO D 135 -6.16 39.78 15.87
C PRO D 135 -7.32 39.99 14.91
N LYS D 136 -8.26 40.86 15.25
CA LYS D 136 -9.42 41.11 14.41
C LYS D 136 -8.99 41.86 13.16
N VAL D 137 -8.13 42.85 13.37
CA VAL D 137 -7.55 43.59 12.27
C VAL D 137 -6.77 42.61 11.40
N LEU D 138 -6.04 41.70 12.04
CA LEU D 138 -5.28 40.69 11.32
C LEU D 138 -6.20 39.88 10.42
N GLN D 139 -7.36 39.51 10.95
CA GLN D 139 -8.34 38.71 10.22
C GLN D 139 -8.83 39.39 8.94
N TYR D 140 -9.17 40.67 9.05
CA TYR D 140 -9.58 41.47 7.92
C TYR D 140 -8.46 41.56 6.92
N ALA D 141 -7.25 41.80 7.43
CA ALA D 141 -6.11 41.93 6.55
C ALA D 141 -5.90 40.64 5.79
N LEU D 142 -6.11 39.51 6.46
CA LEU D 142 -5.93 38.19 5.87
C LEU D 142 -6.89 37.93 4.71
N VAL D 143 -8.17 38.20 4.92
CA VAL D 143 -9.14 37.91 3.87
C VAL D 143 -8.98 38.84 2.68
N VAL D 144 -8.65 40.11 2.94
CA VAL D 144 -8.44 41.05 1.86
C VAL D 144 -7.19 40.67 1.08
N SER D 145 -6.15 40.22 1.79
CA SER D 145 -4.91 39.81 1.16
C SER D 145 -5.13 38.52 0.38
N TYR D 146 -5.93 37.63 0.96
CA TYR D 146 -6.29 36.36 0.34
C TYR D 146 -7.02 36.58 -0.99
N ALA D 147 -7.96 37.52 -0.96
CA ALA D 147 -8.84 37.80 -2.08
C ALA D 147 -8.20 38.62 -3.18
N ASN D 148 -7.44 39.65 -2.81
CA ASN D 148 -6.92 40.58 -3.81
C ASN D 148 -5.41 40.81 -3.75
N GLY D 149 -4.72 40.07 -2.89
CA GLY D 149 -3.27 40.12 -2.84
C GLY D 149 -2.76 40.97 -1.68
N ALA D 150 -1.74 40.47 -0.99
CA ALA D 150 -1.16 41.18 0.13
C ALA D 150 -0.54 42.50 -0.35
N GLY D 151 0.17 42.44 -1.48
CA GLY D 151 0.86 43.59 -2.00
C GLY D 151 -0.09 44.75 -2.27
N ALA D 152 -1.22 44.45 -2.91
CA ALA D 152 -2.20 45.48 -3.22
C ALA D 152 -2.74 46.12 -1.94
N LEU D 153 -2.99 45.29 -0.93
CA LEU D 153 -3.48 45.81 0.34
C LEU D 153 -2.46 46.76 0.97
N LEU D 154 -1.24 46.28 1.15
CA LEU D 154 -0.21 47.03 1.86
C LEU D 154 0.13 48.34 1.15
N ARG D 155 0.13 48.33 -0.17
CA ARG D 155 0.50 49.53 -0.92
C ARG D 155 -0.49 50.67 -0.75
N THR D 156 -1.68 50.38 -0.23
CA THR D 156 -2.63 51.44 0.11
C THR D 156 -2.23 52.13 1.42
N PHE D 157 -1.25 51.57 2.13
CA PHE D 157 -0.69 52.20 3.32
C PHE D 157 0.70 52.78 3.05
N SER D 158 1.55 51.98 2.43
CA SER D 158 2.91 52.40 2.16
C SER D 158 3.59 51.41 1.19
N SER D 159 4.57 51.91 0.44
CA SER D 159 5.40 51.09 -0.44
C SER D 159 6.40 50.24 0.34
N ASP D 160 6.70 50.65 1.56
CA ASP D 160 7.60 49.92 2.45
C ASP D 160 6.76 49.04 3.38
N ARG D 161 7.00 47.73 3.38
CA ARG D 161 6.14 46.82 4.14
C ARG D 161 6.01 47.17 5.61
N LYS D 162 7.14 47.37 6.27
CA LYS D 162 7.19 47.66 7.70
C LYS D 162 6.54 49.00 8.03
N LYS D 163 6.58 49.94 7.08
CA LYS D 163 5.88 51.22 7.27
C LYS D 163 4.37 50.98 7.16
N ALA D 164 3.97 50.13 6.22
CA ALA D 164 2.57 49.78 6.02
C ALA D 164 1.95 49.11 7.25
N ILE D 165 2.70 48.18 7.83
CA ILE D 165 2.26 47.50 9.05
C ILE D 165 2.00 48.51 10.18
N SER D 166 2.87 49.51 10.32
CA SER D 166 2.67 50.54 11.35
C SER D 166 1.34 51.27 11.16
N LYS D 167 1.01 51.55 9.91
CA LYS D 167 -0.19 52.30 9.58
C LYS D 167 -1.41 51.47 9.93
N ILE D 168 -1.32 50.18 9.65
CA ILE D 168 -2.40 49.25 9.94
C ILE D 168 -2.62 49.15 11.45
N ASN D 169 -1.53 49.07 12.20
CA ASN D 169 -1.62 48.89 13.64
C ASN D 169 -2.23 50.09 14.37
N ASP D 170 -2.29 51.22 13.68
CA ASP D 170 -2.93 52.41 14.24
C ASP D 170 -4.46 52.37 14.09
N LEU D 171 -4.98 51.41 13.35
CA LEU D 171 -6.41 51.34 13.08
C LEU D 171 -7.04 50.16 13.81
N ASP D 172 -8.30 50.33 14.22
CA ASP D 172 -9.08 49.20 14.71
C ASP D 172 -9.75 48.52 13.51
N ALA D 173 -10.44 47.41 13.74
CA ALA D 173 -11.00 46.64 12.64
C ALA D 173 -12.01 47.46 11.84
N ASP D 174 -12.75 48.32 12.52
CA ASP D 174 -13.77 49.12 11.86
C ASP D 174 -13.13 50.14 10.93
N GLU D 175 -12.06 50.76 11.44
CA GLU D 175 -11.31 51.77 10.70
C GLU D 175 -10.54 51.12 9.55
N PHE D 176 -10.09 49.89 9.78
CA PHE D 176 -9.39 49.16 8.74
C PHE D 176 -10.29 48.89 7.55
N LEU D 177 -11.52 48.44 7.82
CA LEU D 177 -12.51 48.27 6.76
C LEU D 177 -12.74 49.59 6.02
N GLU D 178 -12.83 50.68 6.76
CA GLU D 178 -13.06 51.99 6.15
C GLU D 178 -11.92 52.36 5.21
N HIS D 179 -10.69 52.14 5.66
CA HIS D 179 -9.53 52.41 4.84
C HIS D 179 -9.60 51.60 3.54
N VAL D 180 -9.94 50.32 3.67
CA VAL D 180 -10.04 49.43 2.51
C VAL D 180 -11.14 49.85 1.54
N ALA D 181 -12.31 50.21 2.08
CA ALA D 181 -13.43 50.65 1.26
C ALA D 181 -13.14 51.95 0.50
N ARG D 182 -12.35 52.82 1.10
CA ARG D 182 -12.00 54.12 0.50
C ARG D 182 -10.78 54.04 -0.43
N ASN D 183 -9.86 53.12 -0.15
CA ASN D 183 -8.55 53.15 -0.78
C ASN D 183 -8.17 51.92 -1.60
N HIS D 184 -8.87 50.81 -1.42
CA HIS D 184 -8.50 49.63 -2.16
C HIS D 184 -9.10 49.73 -3.57
N PRO D 185 -8.26 49.52 -4.61
CA PRO D 185 -8.69 49.63 -6.02
C PRO D 185 -9.70 48.56 -6.45
N ALA D 186 -9.68 47.39 -5.81
CA ALA D 186 -10.71 46.38 -6.02
C ALA D 186 -11.96 46.61 -5.16
N PRO D 187 -13.11 46.87 -5.81
CA PRO D 187 -14.39 46.96 -5.09
C PRO D 187 -14.78 45.64 -4.41
N GLN D 188 -14.24 44.52 -4.87
CA GLN D 188 -14.47 43.22 -4.25
C GLN D 188 -13.93 43.21 -2.82
N ALA D 189 -12.92 44.05 -2.56
CA ALA D 189 -12.13 43.94 -1.32
C ALA D 189 -12.92 44.25 -0.05
N PRO D 190 -13.52 45.45 0.02
CA PRO D 190 -14.33 45.70 1.22
C PRO D 190 -15.54 44.76 1.31
N ARG D 191 -16.04 44.30 0.16
CA ARG D 191 -17.20 43.40 0.13
C ARG D 191 -16.86 42.06 0.79
N TYR D 192 -15.59 41.65 0.68
CA TYR D 192 -15.14 40.40 1.29
C TYR D 192 -15.22 40.44 2.83
N ILE D 193 -14.90 41.59 3.42
CA ILE D 193 -15.00 41.73 4.88
C ILE D 193 -16.46 41.71 5.30
N TYR D 194 -17.31 42.41 4.54
CA TYR D 194 -18.73 42.37 4.80
C TYR D 194 -19.23 40.91 4.76
N LYS D 195 -18.83 40.18 3.74
CA LYS D 195 -19.24 38.79 3.61
C LYS D 195 -18.67 37.96 4.76
N LEU D 196 -17.43 38.25 5.15
CA LEU D 196 -16.84 37.56 6.28
C LEU D 196 -17.74 37.67 7.53
N GLU D 197 -18.20 38.88 7.84
CA GLU D 197 -19.01 39.07 9.05
C GLU D 197 -20.38 38.39 8.90
N GLN D 198 -20.94 38.42 7.69
CA GLN D 198 -22.15 37.64 7.41
C GLN D 198 -21.93 36.16 7.69
N ALA D 199 -20.77 35.66 7.27
CA ALA D 199 -20.46 34.24 7.43
C ALA D 199 -20.24 33.90 8.91
N LEU D 200 -19.48 34.74 9.60
CA LEU D 200 -19.21 34.48 11.00
C LEU D 200 -20.50 34.43 11.81
N ASP D 201 -21.45 35.31 11.50
CA ASP D 201 -22.72 35.37 12.25
C ASP D 201 -23.54 34.10 12.10
N ALA D 202 -23.45 33.44 10.96
CA ALA D 202 -24.28 32.25 10.67
C ALA D 202 -23.64 30.98 11.21
N MET D 203 -22.52 31.10 11.92
CA MET D 203 -21.81 29.94 12.43
C MET D 203 -22.12 29.64 13.89
N LYS E 19 17.69 -26.05 -44.97
CA LYS E 19 16.34 -26.57 -45.20
C LYS E 19 15.23 -25.76 -44.55
N HIS E 20 15.36 -25.53 -43.24
CA HIS E 20 14.22 -25.05 -42.45
C HIS E 20 13.62 -23.77 -43.05
N ASP E 21 12.32 -23.84 -43.33
CA ASP E 21 11.57 -22.69 -43.84
C ASP E 21 10.98 -21.92 -42.67
N TYR E 22 11.83 -21.23 -41.94
CA TYR E 22 11.47 -20.77 -40.61
C TYR E 22 10.61 -19.48 -40.56
N THR E 23 10.50 -18.72 -41.66
CA THR E 23 9.67 -17.51 -41.62
C THR E 23 8.22 -17.72 -42.05
N ASN E 24 7.92 -18.88 -42.62
CA ASN E 24 6.54 -19.21 -42.98
C ASN E 24 5.97 -20.35 -42.18
N PRO E 25 4.70 -20.22 -41.74
CA PRO E 25 3.86 -19.05 -41.98
C PRO E 25 4.26 -17.87 -41.11
N PRO E 26 3.88 -16.65 -41.52
CA PRO E 26 4.24 -15.48 -40.70
C PRO E 26 3.66 -15.59 -39.29
N TRP E 27 4.37 -15.06 -38.32
CA TRP E 27 3.90 -15.01 -36.94
C TRP E 27 3.63 -13.55 -36.52
N ASN E 28 2.38 -13.23 -36.20
CA ASN E 28 2.00 -11.88 -35.81
C ASN E 28 2.24 -11.70 -34.32
N ALA E 29 3.20 -10.85 -34.00
CA ALA E 29 3.69 -10.69 -32.65
C ALA E 29 2.83 -9.70 -31.86
N LYS E 30 1.94 -9.00 -32.55
CA LYS E 30 1.22 -7.86 -31.98
C LYS E 30 0.63 -8.17 -30.61
N VAL E 31 -0.30 -9.11 -30.57
CA VAL E 31 -1.06 -9.43 -29.37
C VAL E 31 -0.18 -10.09 -28.29
N PRO E 32 0.62 -11.09 -28.67
CA PRO E 32 1.53 -11.70 -27.70
C PRO E 32 2.46 -10.69 -27.01
N VAL E 33 3.02 -9.76 -27.76
CA VAL E 33 3.91 -8.77 -27.16
C VAL E 33 3.16 -7.77 -26.29
N GLN E 34 2.02 -7.34 -26.78
CA GLN E 34 1.20 -6.43 -26.00
C GLN E 34 0.82 -7.08 -24.65
N ARG E 35 0.53 -8.37 -24.65
CA ARG E 35 0.21 -9.03 -23.39
C ARG E 35 1.48 -9.21 -22.55
N ALA E 36 2.58 -9.57 -23.20
CA ALA E 36 3.86 -9.72 -22.49
C ALA E 36 4.32 -8.39 -21.88
N MET E 37 4.03 -7.29 -22.56
CA MET E 37 4.41 -5.97 -22.06
C MET E 37 3.71 -5.60 -20.75
N GLN E 38 2.57 -6.21 -20.48
CA GLN E 38 1.84 -5.93 -19.25
C GLN E 38 2.60 -6.45 -18.03
N TRP E 39 3.59 -7.31 -18.26
CA TRP E 39 4.43 -7.84 -17.20
C TRP E 39 5.78 -7.13 -17.11
N MET E 40 5.94 -6.09 -17.93
CA MET E 40 7.24 -5.44 -18.07
C MET E 40 7.81 -4.96 -16.74
N PRO E 41 6.95 -4.44 -15.84
CA PRO E 41 7.59 -4.02 -14.59
C PRO E 41 8.36 -5.14 -13.93
N ILE E 42 7.82 -6.35 -13.90
CA ILE E 42 8.51 -7.48 -13.29
C ILE E 42 9.73 -7.87 -14.13
N SER E 43 9.59 -7.81 -15.45
CA SER E 43 10.66 -8.21 -16.33
C SER E 43 11.86 -7.30 -16.19
N GLN E 44 11.61 -6.01 -15.99
CA GLN E 44 12.68 -5.03 -15.79
C GLN E 44 13.43 -5.34 -14.50
N LYS E 45 12.69 -5.60 -13.42
CA LYS E 45 13.29 -5.92 -12.12
C LYS E 45 14.11 -7.20 -12.16
N ALA E 46 13.53 -8.27 -12.68
CA ALA E 46 14.22 -9.55 -12.78
C ALA E 46 15.43 -9.42 -13.72
N GLY E 47 15.27 -8.66 -14.80
CA GLY E 47 16.34 -8.45 -15.76
C GLY E 47 17.52 -7.72 -15.14
N ALA E 48 17.23 -6.66 -14.39
CA ALA E 48 18.28 -5.91 -13.70
C ALA E 48 18.96 -6.79 -12.65
N ALA E 49 18.17 -7.60 -11.95
CA ALA E 49 18.71 -8.45 -10.90
C ALA E 49 19.65 -9.51 -11.47
N TRP E 50 19.34 -10.02 -12.65
CA TRP E 50 20.10 -11.12 -13.21
C TRP E 50 20.99 -10.74 -14.40
N GLY E 51 21.06 -9.46 -14.71
CA GLY E 51 21.84 -9.01 -15.86
C GLY E 51 21.31 -9.52 -17.18
N VAL E 52 19.99 -9.54 -17.33
CA VAL E 52 19.35 -9.99 -18.58
C VAL E 52 18.49 -8.87 -19.21
N ASP E 53 18.51 -8.76 -20.54
CA ASP E 53 17.73 -7.74 -21.24
C ASP E 53 16.23 -7.94 -21.05
N PRO E 54 15.54 -6.95 -20.45
CA PRO E 54 14.09 -7.06 -20.25
C PRO E 54 13.30 -7.32 -21.54
N GLN E 55 13.82 -6.84 -22.67
CA GLN E 55 13.15 -7.06 -23.95
C GLN E 55 13.27 -8.51 -24.37
N LEU E 56 14.36 -9.16 -23.96
CA LEU E 56 14.51 -10.58 -24.28
C LEU E 56 13.50 -11.40 -23.49
N ILE E 57 13.35 -11.05 -22.21
CA ILE E 57 12.41 -11.72 -21.34
C ILE E 57 10.99 -11.53 -21.90
N THR E 58 10.67 -10.33 -22.30
CA THR E 58 9.37 -10.00 -22.83
C THR E 58 9.11 -10.82 -24.10
N ALA E 59 10.11 -10.92 -24.96
CA ALA E 59 9.97 -11.68 -26.21
C ALA E 59 9.68 -13.16 -25.91
N ILE E 60 10.40 -13.70 -24.93
CA ILE E 60 10.24 -15.09 -24.56
C ILE E 60 8.84 -15.34 -24.00
N ILE E 61 8.34 -14.43 -23.18
CA ILE E 61 6.98 -14.55 -22.67
C ILE E 61 6.00 -14.60 -23.84
N ALA E 62 6.16 -13.64 -24.75
CA ALA E 62 5.26 -13.50 -25.88
C ALA E 62 5.22 -14.80 -26.68
N ILE E 63 6.41 -15.35 -26.91
CA ILE E 63 6.59 -16.53 -27.73
C ILE E 63 6.17 -17.82 -27.04
N GLU E 64 6.47 -17.94 -25.76
CA GLU E 64 6.23 -19.18 -25.03
C GLU E 64 4.78 -19.35 -24.63
N SER E 65 4.15 -18.28 -24.16
CA SER E 65 2.82 -18.37 -23.57
C SER E 65 1.83 -17.34 -24.11
N GLY E 66 2.30 -16.42 -24.94
CA GLY E 66 1.49 -15.30 -25.36
C GLY E 66 1.04 -14.46 -24.18
N GLY E 67 1.74 -14.61 -23.05
CA GLY E 67 1.39 -13.84 -21.87
C GLY E 67 0.34 -14.50 -21.01
N ASN E 68 -0.04 -15.74 -21.33
CA ASN E 68 -0.99 -16.49 -20.50
C ASN E 68 -0.23 -17.14 -19.35
N PRO E 69 -0.42 -16.63 -18.12
CA PRO E 69 0.28 -17.08 -16.91
C PRO E 69 -0.15 -18.45 -16.38
N ASN E 70 -1.27 -18.95 -16.90
CA ASN E 70 -1.82 -20.23 -16.48
C ASN E 70 -1.45 -21.31 -17.49
N ALA E 71 -0.67 -20.94 -18.50
CA ALA E 71 -0.32 -21.87 -19.59
C ALA E 71 0.45 -23.10 -19.11
N VAL E 72 0.04 -24.26 -19.63
CA VAL E 72 0.71 -25.53 -19.33
C VAL E 72 0.76 -26.38 -20.59
N SER E 73 1.95 -26.77 -21.01
CA SER E 73 2.12 -27.60 -22.20
C SER E 73 1.93 -29.08 -21.88
N LYS E 74 1.89 -29.90 -22.92
CA LYS E 74 1.70 -31.34 -22.80
C LYS E 74 2.91 -32.00 -22.15
N SER E 75 4.04 -31.31 -22.19
CA SER E 75 5.26 -31.80 -21.57
C SER E 75 5.47 -31.11 -20.22
N ASN E 76 4.42 -30.46 -19.73
CA ASN E 76 4.40 -29.80 -18.42
C ASN E 76 5.34 -28.61 -18.29
N ALA E 77 5.56 -27.88 -19.39
CA ALA E 77 6.21 -26.58 -19.30
C ALA E 77 5.17 -25.61 -18.74
N ILE E 78 5.57 -24.74 -17.81
CA ILE E 78 4.61 -24.00 -17.01
C ILE E 78 4.78 -22.50 -17.07
N GLY E 79 3.67 -21.78 -17.12
CA GLY E 79 3.65 -20.34 -16.88
C GLY E 79 4.13 -19.43 -18.01
N LEU E 80 4.38 -18.17 -17.67
CA LEU E 80 4.61 -17.14 -18.67
C LEU E 80 5.78 -17.50 -19.61
N MET E 81 6.85 -18.04 -19.03
CA MET E 81 8.03 -18.36 -19.81
C MET E 81 8.18 -19.86 -20.03
N GLN E 82 7.14 -20.61 -19.69
CA GLN E 82 7.07 -22.03 -20.02
C GLN E 82 8.32 -22.78 -19.51
N LEU E 83 8.54 -22.72 -18.21
CA LEU E 83 9.66 -23.40 -17.59
C LEU E 83 9.29 -24.82 -17.19
N LYS E 84 10.19 -25.76 -17.46
CA LYS E 84 10.06 -27.15 -17.06
C LYS E 84 10.58 -27.24 -15.63
N ALA E 85 9.75 -27.68 -14.70
CA ALA E 85 10.16 -27.79 -13.29
C ALA E 85 11.41 -28.66 -13.10
N SER E 86 11.45 -29.79 -13.80
CA SER E 86 12.45 -30.82 -13.57
C SER E 86 13.82 -30.46 -14.12
N THR E 87 13.88 -29.47 -15.00
CA THR E 87 15.15 -29.07 -15.56
C THR E 87 15.50 -27.62 -15.23
N SER E 88 14.93 -26.66 -15.96
CA SER E 88 15.28 -25.26 -15.77
C SER E 88 14.99 -24.83 -14.35
N GLY E 89 13.86 -25.29 -13.82
CA GLY E 89 13.45 -25.01 -12.45
C GLY E 89 14.47 -25.52 -11.46
N ARG E 90 14.87 -26.78 -11.65
CA ARG E 90 15.85 -27.44 -10.80
C ARG E 90 17.23 -26.78 -10.93
N ASP E 91 17.60 -26.38 -12.15
CA ASP E 91 18.90 -25.75 -12.36
C ASP E 91 18.95 -24.44 -11.59
N VAL E 92 17.85 -23.70 -11.61
CA VAL E 92 17.78 -22.41 -10.93
C VAL E 92 17.90 -22.59 -9.41
N TYR E 93 17.23 -23.60 -8.87
CA TYR E 93 17.36 -23.89 -7.44
C TYR E 93 18.83 -24.14 -7.06
N ARG E 94 19.53 -24.98 -7.83
CA ARG E 94 20.95 -25.25 -7.59
C ARG E 94 21.79 -23.96 -7.53
N ARG E 95 21.54 -23.06 -8.48
CA ARG E 95 22.25 -21.78 -8.55
C ARG E 95 21.98 -20.92 -7.33
N MET E 96 20.81 -21.12 -6.71
CA MET E 96 20.45 -20.38 -5.50
C MET E 96 20.95 -21.05 -4.21
N GLY E 97 21.31 -22.33 -4.28
CA GLY E 97 21.70 -23.09 -3.11
C GLY E 97 20.51 -23.72 -2.43
N TRP E 98 19.43 -23.93 -3.16
CA TRP E 98 18.22 -24.55 -2.64
C TRP E 98 18.13 -25.98 -3.15
N SER E 99 17.50 -26.86 -2.39
CA SER E 99 17.22 -28.22 -2.86
C SER E 99 15.82 -28.34 -3.45
N GLY E 100 15.57 -29.43 -4.17
CA GLY E 100 14.27 -29.71 -4.75
C GLY E 100 14.02 -28.83 -5.96
N GLU E 101 12.74 -28.56 -6.22
CA GLU E 101 12.35 -27.78 -7.39
C GLU E 101 10.99 -27.13 -7.15
N PRO E 102 10.65 -26.09 -7.93
CA PRO E 102 9.33 -25.49 -7.69
C PRO E 102 8.20 -26.42 -8.10
N THR E 103 7.03 -26.26 -7.50
CA THR E 103 5.85 -26.99 -7.92
C THR E 103 5.14 -26.24 -9.06
N THR E 104 4.18 -26.93 -9.68
CA THR E 104 3.37 -26.34 -10.73
C THR E 104 2.75 -25.04 -10.23
N SER E 105 2.22 -25.07 -9.02
CA SER E 105 1.59 -23.90 -8.45
C SER E 105 2.56 -22.72 -8.47
N GLU E 106 3.81 -22.97 -8.07
CA GLU E 106 4.82 -21.93 -7.97
C GLU E 106 5.22 -21.38 -9.33
N LEU E 107 5.26 -22.24 -10.33
CA LEU E 107 5.61 -21.81 -11.67
C LEU E 107 4.48 -20.97 -12.32
N LYS E 108 3.26 -21.12 -11.81
CA LYS E 108 2.13 -20.36 -12.31
C LYS E 108 2.11 -18.97 -11.69
N ASN E 109 2.87 -18.80 -10.61
CA ASN E 109 3.05 -17.49 -10.02
C ASN E 109 3.86 -16.64 -11.00
N PRO E 110 3.24 -15.57 -11.52
CA PRO E 110 3.86 -14.75 -12.56
C PRO E 110 5.22 -14.17 -12.16
N GLU E 111 5.30 -13.61 -10.95
CA GLU E 111 6.52 -12.97 -10.48
C GLU E 111 7.67 -13.99 -10.34
N ARG E 112 7.36 -15.15 -9.76
CA ARG E 112 8.34 -16.21 -9.61
C ARG E 112 8.76 -16.80 -10.97
N ASN E 113 7.80 -16.92 -11.88
CA ASN E 113 8.07 -17.48 -13.20
C ASN E 113 9.09 -16.64 -13.96
N ILE E 114 8.82 -15.35 -14.07
CA ILE E 114 9.70 -14.44 -14.76
C ILE E 114 11.03 -14.39 -14.02
N SER E 115 10.98 -14.34 -12.69
CA SER E 115 12.22 -14.27 -11.93
C SER E 115 13.13 -15.47 -12.21
N MET E 116 12.52 -16.65 -12.30
CA MET E 116 13.28 -17.86 -12.58
C MET E 116 13.75 -17.90 -14.04
N GLY E 117 12.88 -17.46 -14.94
CA GLY E 117 13.23 -17.39 -16.36
C GLY E 117 14.48 -16.54 -16.60
N ALA E 118 14.56 -15.41 -15.92
CA ALA E 118 15.71 -14.55 -16.03
C ALA E 118 16.95 -15.26 -15.44
N ALA E 119 16.77 -15.89 -14.28
CA ALA E 119 17.87 -16.61 -13.65
C ALA E 119 18.43 -17.65 -14.60
N TYR E 120 17.53 -18.35 -15.28
CA TYR E 120 17.93 -19.41 -16.19
C TYR E 120 18.71 -18.85 -17.39
N LEU E 121 18.26 -17.72 -17.91
CA LEU E 121 18.97 -17.06 -19.00
C LEU E 121 20.37 -16.66 -18.54
N ASN E 122 20.47 -16.21 -17.29
CA ASN E 122 21.76 -15.87 -16.71
C ASN E 122 22.66 -17.10 -16.64
N ILE E 123 22.06 -18.22 -16.22
CA ILE E 123 22.82 -19.46 -16.09
C ILE E 123 23.34 -19.89 -17.45
N LEU E 124 22.50 -19.77 -18.48
CA LEU E 124 22.94 -20.11 -19.83
C LEU E 124 24.11 -19.22 -20.27
N GLU E 125 24.01 -17.92 -20.01
CA GLU E 125 25.03 -16.96 -20.43
C GLU E 125 26.35 -17.15 -19.72
N THR E 126 26.29 -17.39 -18.42
CA THR E 126 27.50 -17.47 -17.61
C THR E 126 28.10 -18.88 -17.58
N GLY E 127 27.28 -19.87 -17.93
CA GLY E 127 27.74 -21.26 -17.95
C GLY E 127 28.05 -21.75 -19.35
N PRO E 128 27.13 -22.52 -19.96
CA PRO E 128 27.46 -23.20 -21.22
C PRO E 128 27.77 -22.24 -22.39
N LEU E 129 27.19 -21.05 -22.38
CA LEU E 129 27.41 -20.12 -23.46
C LEU E 129 28.55 -19.13 -23.18
N ALA E 130 29.29 -19.34 -22.09
CA ALA E 130 30.33 -18.40 -21.72
C ALA E 130 31.35 -18.33 -22.84
N GLY E 131 31.83 -17.12 -23.12
CA GLY E 131 32.86 -16.94 -24.12
C GLY E 131 32.34 -16.37 -25.43
N ILE E 132 31.01 -16.33 -25.62
CA ILE E 132 30.45 -15.69 -26.81
C ILE E 132 30.58 -14.19 -26.72
N GLU E 133 31.22 -13.57 -27.72
CA GLU E 133 31.62 -12.17 -27.62
C GLU E 133 30.58 -11.15 -28.09
N ASP E 134 29.94 -11.43 -29.21
CA ASP E 134 28.97 -10.52 -29.80
C ASP E 134 27.61 -10.65 -29.10
N PRO E 135 27.13 -9.56 -28.49
CA PRO E 135 25.90 -9.59 -27.69
C PRO E 135 24.66 -9.99 -28.52
N LYS E 136 24.67 -9.63 -29.79
CA LYS E 136 23.57 -9.96 -30.67
C LYS E 136 23.60 -11.46 -30.98
N VAL E 137 24.78 -12.00 -31.25
CA VAL E 137 24.94 -13.44 -31.43
C VAL E 137 24.54 -14.15 -30.13
N LEU E 138 24.94 -13.58 -29.01
CA LEU E 138 24.59 -14.15 -27.71
C LEU E 138 23.07 -14.19 -27.57
N GLN E 139 22.41 -13.12 -27.98
CA GLN E 139 20.95 -13.08 -27.88
C GLN E 139 20.31 -14.24 -28.65
N TYR E 140 20.79 -14.47 -29.88
CA TYR E 140 20.27 -15.56 -30.68
C TYR E 140 20.60 -16.90 -30.05
N ALA E 141 21.84 -17.01 -29.56
CA ALA E 141 22.31 -18.23 -28.94
C ALA E 141 21.45 -18.54 -27.71
N LEU E 142 21.02 -17.49 -27.00
CA LEU E 142 20.21 -17.67 -25.78
C LEU E 142 18.84 -18.27 -26.10
N VAL E 143 18.12 -17.73 -27.08
CA VAL E 143 16.79 -18.28 -27.36
C VAL E 143 16.88 -19.68 -27.95
N VAL E 144 17.87 -19.93 -28.79
CA VAL E 144 18.03 -21.27 -29.35
C VAL E 144 18.36 -22.24 -28.23
N SER E 145 19.14 -21.80 -27.25
CA SER E 145 19.52 -22.66 -26.12
C SER E 145 18.34 -22.86 -25.17
N TYR E 146 17.58 -21.81 -24.98
CA TYR E 146 16.39 -21.84 -24.12
C TYR E 146 15.43 -22.88 -24.67
N ALA E 147 15.30 -22.91 -25.99
CA ALA E 147 14.37 -23.80 -26.66
C ALA E 147 14.84 -25.24 -26.71
N ASN E 148 16.11 -25.46 -27.07
CA ASN E 148 16.56 -26.83 -27.35
C ASN E 148 17.85 -27.24 -26.66
N GLY E 149 18.38 -26.38 -25.80
CA GLY E 149 19.55 -26.74 -25.01
C GLY E 149 20.85 -26.15 -25.53
N ALA E 150 21.63 -25.64 -24.59
CA ALA E 150 22.91 -25.02 -24.92
C ALA E 150 23.84 -26.04 -25.57
N GLY E 151 23.93 -27.22 -24.96
CA GLY E 151 24.80 -28.28 -25.45
C GLY E 151 24.47 -28.67 -26.88
N ALA E 152 23.18 -28.83 -27.16
CA ALA E 152 22.73 -29.22 -28.50
C ALA E 152 23.12 -28.15 -29.53
N LEU E 153 23.01 -26.88 -29.14
CA LEU E 153 23.45 -25.79 -29.98
C LEU E 153 24.94 -25.87 -30.26
N LEU E 154 25.74 -25.98 -29.21
CA LEU E 154 27.18 -25.94 -29.37
C LEU E 154 27.67 -27.12 -30.20
N ARG E 155 27.05 -28.29 -30.01
CA ARG E 155 27.45 -29.48 -30.71
C ARG E 155 27.19 -29.39 -32.22
N THR E 156 26.38 -28.41 -32.66
CA THR E 156 26.22 -28.19 -34.10
C THR E 156 27.43 -27.47 -34.67
N PHE E 157 28.30 -26.96 -33.80
CA PHE E 157 29.53 -26.34 -34.25
C PHE E 157 30.70 -27.28 -34.08
N SER E 158 30.79 -27.91 -32.91
CA SER E 158 31.86 -28.85 -32.67
C SER E 158 31.50 -29.67 -31.44
N SER E 159 32.05 -30.87 -31.40
CA SER E 159 31.97 -31.76 -30.25
C SER E 159 32.85 -31.23 -29.13
N ASP E 160 33.81 -30.40 -29.52
CA ASP E 160 34.78 -29.76 -28.63
C ASP E 160 34.25 -28.38 -28.29
N ARG E 161 33.93 -28.18 -27.01
CA ARG E 161 33.31 -26.93 -26.60
C ARG E 161 34.14 -25.70 -26.94
N LYS E 162 35.44 -25.78 -26.69
CA LYS E 162 36.32 -24.68 -26.92
C LYS E 162 36.24 -24.25 -28.38
N LYS E 163 36.30 -25.22 -29.29
CA LYS E 163 36.26 -24.91 -30.70
C LYS E 163 34.84 -24.48 -31.11
N ALA E 164 33.81 -25.05 -30.48
CA ALA E 164 32.45 -24.55 -30.76
C ALA E 164 32.31 -23.06 -30.49
N ILE E 165 32.72 -22.63 -29.31
CA ILE E 165 32.68 -21.22 -28.96
C ILE E 165 33.51 -20.43 -29.96
N SER E 166 34.69 -20.96 -30.27
CA SER E 166 35.58 -20.28 -31.20
C SER E 166 34.90 -20.09 -32.57
N LYS E 167 34.19 -21.12 -33.05
CA LYS E 167 33.49 -21.02 -34.33
C LYS E 167 32.31 -20.08 -34.26
N ILE E 168 31.61 -20.04 -33.13
CA ILE E 168 30.50 -19.11 -32.99
C ILE E 168 31.03 -17.68 -33.09
N ASN E 169 32.14 -17.42 -32.43
CA ASN E 169 32.69 -16.07 -32.40
C ASN E 169 33.20 -15.57 -33.76
N ASP E 170 33.36 -16.49 -34.73
CA ASP E 170 33.70 -16.10 -36.11
C ASP E 170 32.48 -15.62 -36.90
N LEU E 171 31.27 -15.77 -36.34
CA LEU E 171 30.08 -15.47 -37.11
C LEU E 171 29.44 -14.22 -36.56
N ASP E 172 28.78 -13.46 -37.43
CA ASP E 172 27.90 -12.40 -36.97
C ASP E 172 26.51 -13.01 -36.75
N ALA E 173 25.57 -12.21 -36.26
CA ALA E 173 24.28 -12.76 -35.87
C ALA E 173 23.53 -13.38 -37.04
N ASP E 174 23.68 -12.77 -38.22
CA ASP E 174 23.00 -13.28 -39.40
C ASP E 174 23.63 -14.59 -39.86
N GLU E 175 24.95 -14.68 -39.78
CA GLU E 175 25.65 -15.90 -40.15
C GLU E 175 25.31 -17.00 -39.13
N PHE E 176 25.12 -16.62 -37.88
CA PHE E 176 24.71 -17.56 -36.84
C PHE E 176 23.31 -18.14 -37.12
N LEU E 177 22.37 -17.29 -37.46
CA LEU E 177 21.04 -17.76 -37.83
C LEU E 177 21.09 -18.74 -38.99
N GLU E 178 21.85 -18.39 -40.02
CA GLU E 178 21.94 -19.24 -41.19
C GLU E 178 22.48 -20.59 -40.80
N HIS E 179 23.54 -20.60 -40.00
CA HIS E 179 24.12 -21.85 -39.55
C HIS E 179 23.06 -22.69 -38.82
N VAL E 180 22.34 -22.05 -37.92
CA VAL E 180 21.29 -22.74 -37.16
C VAL E 180 20.20 -23.29 -38.07
N ALA E 181 19.77 -22.48 -39.04
CA ALA E 181 18.75 -22.91 -39.98
C ALA E 181 19.19 -24.11 -40.81
N ARG E 182 20.48 -24.18 -41.12
CA ARG E 182 21.00 -25.27 -41.95
C ARG E 182 21.43 -26.52 -41.18
N ASN E 183 21.94 -26.34 -39.97
CA ASN E 183 22.63 -27.42 -39.27
C ASN E 183 22.04 -27.84 -37.92
N HIS E 184 21.16 -27.02 -37.36
CA HIS E 184 20.54 -27.39 -36.09
C HIS E 184 19.42 -28.39 -36.39
N PRO E 185 19.42 -29.53 -35.69
CA PRO E 185 18.41 -30.56 -35.96
C PRO E 185 16.97 -30.20 -35.54
N ALA E 186 16.82 -29.33 -34.55
CA ALA E 186 15.52 -28.80 -34.15
C ALA E 186 14.99 -27.66 -35.02
N PRO E 187 13.86 -27.89 -35.71
CA PRO E 187 13.20 -26.86 -36.51
C PRO E 187 12.75 -25.65 -35.69
N GLN E 188 12.59 -25.81 -34.38
CA GLN E 188 12.24 -24.68 -33.53
C GLN E 188 13.31 -23.64 -33.47
N ALA E 189 14.56 -24.05 -33.68
CA ALA E 189 15.67 -23.17 -33.37
C ALA E 189 15.65 -21.92 -34.25
N PRO E 190 15.68 -22.08 -35.57
CA PRO E 190 15.62 -20.86 -36.38
C PRO E 190 14.25 -20.17 -36.26
N ARG E 191 13.21 -20.95 -35.99
CA ARG E 191 11.88 -20.38 -35.89
C ARG E 191 11.84 -19.41 -34.71
N TYR E 192 12.53 -19.77 -33.64
CA TYR E 192 12.52 -18.99 -32.43
C TYR E 192 13.17 -17.62 -32.70
N ILE E 193 14.23 -17.64 -33.50
CA ILE E 193 14.95 -16.42 -33.80
C ILE E 193 14.05 -15.50 -34.63
N TYR E 194 13.38 -16.09 -35.61
CA TYR E 194 12.46 -15.31 -36.43
C TYR E 194 11.38 -14.68 -35.55
N LYS E 195 10.82 -15.47 -34.65
CA LYS E 195 9.78 -14.95 -33.77
C LYS E 195 10.34 -13.89 -32.83
N LEU E 196 11.56 -14.14 -32.35
CA LEU E 196 12.25 -13.19 -31.50
C LEU E 196 12.27 -11.82 -32.16
N GLU E 197 12.62 -11.79 -33.44
CA GLU E 197 12.75 -10.51 -34.14
C GLU E 197 11.39 -9.84 -34.40
N GLN E 198 10.37 -10.64 -34.74
CA GLN E 198 9.01 -10.13 -34.86
C GLN E 198 8.60 -9.44 -33.56
N ALA E 199 8.93 -10.10 -32.44
CA ALA E 199 8.56 -9.57 -31.13
C ALA E 199 9.33 -8.28 -30.86
N LEU E 200 10.64 -8.28 -31.13
CA LEU E 200 11.45 -7.09 -30.92
C LEU E 200 10.93 -5.93 -31.78
N ASP E 201 10.46 -6.22 -32.99
CA ASP E 201 9.93 -5.15 -33.84
C ASP E 201 8.73 -4.49 -33.20
N ALA E 202 7.97 -5.24 -32.41
CA ALA E 202 6.71 -4.73 -31.84
C ALA E 202 6.91 -3.97 -30.54
N MET E 203 8.15 -3.87 -30.08
CA MET E 203 8.42 -3.28 -28.77
C MET E 203 8.83 -1.84 -29.00
#